data_3FBG
#
_entry.id   3FBG
#
_cell.length_a   47.198
_cell.length_b   93.552
_cell.length_c   83.240
_cell.angle_alpha   90.000
_cell.angle_beta   98.860
_cell.angle_gamma   90.000
#
_symmetry.space_group_name_H-M   'P 1 21 1'
#
loop_
_entity.id
_entity.type
_entity.pdbx_description
1 polymer 'putative arginate lyase'
2 non-polymer 'MAGNESIUM ION'
3 water water
#
_entity_poly.entity_id   1
_entity_poly.type   'polypeptide(L)'
_entity_poly.pdbx_seq_one_letter_code
;MSLKAIGFEQPFKLSDGNLFKTFNLDIPEPKVHEILVKIQSISVNPVDTKQRLMDVSKAPRVLGFDAIGVVESVGNEVTM
FNQGDIVYYSGSPDQNGSNAEYQLINERLVAKAPKNISAEQAVSLPLTGITAYETLFDVFGISRNRNENEGKTLLIINGA
GGVGSIATQIAKAYGLRVITTASRNETIEWTKKMGADIVLNHKESLLNQFKTQGIELVDYVFCTFNTDMYYDDMIQLVKP
RGHIATIVAFENDQDLNALKPKSLSFSHEFMFARPLNQTDDMIKHHEYLEDITNKVEQNIYQPTTTKVIEGLTTENIYQA
HQILESNTMIGKLVINLNEGHHHHHH
;
_entity_poly.pdbx_strand_id   A,B
#
# COMPACT_ATOMS: atom_id res chain seq x y z
N SER A 2 -41.61 20.14 -9.30
CA SER A 2 -40.93 19.05 -10.06
C SER A 2 -39.55 19.52 -10.50
N LEU A 3 -38.71 18.59 -10.91
CA LEU A 3 -37.33 18.93 -11.27
C LEU A 3 -36.88 18.26 -12.57
N LYS A 4 -36.07 18.96 -13.35
CA LYS A 4 -35.55 18.38 -14.56
C LYS A 4 -34.25 17.68 -14.20
N ALA A 5 -34.11 16.47 -14.74
CA ALA A 5 -32.91 15.64 -14.61
C ALA A 5 -32.55 15.03 -15.95
N ILE A 6 -31.26 14.93 -16.24
CA ILE A 6 -30.79 14.29 -17.46
C ILE A 6 -30.31 12.90 -17.13
N GLY A 7 -30.82 11.90 -17.82
CA GLY A 7 -30.48 10.54 -17.49
C GLY A 7 -30.64 9.62 -18.66
N PHE A 8 -30.50 8.33 -18.42
CA PHE A 8 -30.59 7.33 -19.45
C PHE A 8 -31.17 6.05 -18.89
N GLU A 9 -31.71 5.25 -19.80
CA GLU A 9 -32.42 4.02 -19.43
C GLU A 9 -31.56 2.78 -19.45
N GLN A 10 -30.56 2.74 -20.34
CA GLN A 10 -29.64 1.63 -20.47
C GLN A 10 -28.26 2.12 -20.85
N PRO A 11 -27.21 1.37 -20.48
CA PRO A 11 -25.85 1.74 -20.84
C PRO A 11 -25.70 1.83 -22.35
N PHE A 12 -24.88 2.77 -22.81
CA PHE A 12 -24.66 2.92 -24.25
C PHE A 12 -23.29 3.56 -24.58
N LYS A 13 -22.76 3.20 -25.75
CA LYS A 13 -21.58 3.85 -26.31
C LYS A 13 -21.98 5.16 -26.98
N LEU A 14 -21.04 6.11 -27.04
CA LEU A 14 -21.39 7.42 -27.60
C LEU A 14 -21.70 7.25 -29.09
N SER A 15 -21.17 6.20 -29.69
CA SER A 15 -21.44 5.98 -31.11
C SER A 15 -22.91 5.61 -31.35
N ASP A 16 -23.59 5.17 -30.30
CA ASP A 16 -25.02 4.83 -30.37
C ASP A 16 -25.87 6.11 -30.46
N GLY A 17 -25.24 7.27 -30.38
CA GLY A 17 -25.96 8.56 -30.38
C GLY A 17 -26.36 9.11 -29.02
N ASN A 18 -26.93 10.32 -29.04
CA ASN A 18 -27.40 10.97 -27.82
C ASN A 18 -28.63 10.29 -27.22
N LEU A 19 -28.39 9.25 -26.44
CA LEU A 19 -29.49 8.56 -25.74
C LEU A 19 -29.75 9.14 -24.35
N PHE A 20 -29.08 10.22 -23.99
CA PHE A 20 -29.52 10.93 -22.82
C PHE A 20 -30.95 11.42 -23.09
N LYS A 21 -31.74 11.51 -22.02
CA LYS A 21 -33.13 11.93 -22.06
C LYS A 21 -33.41 12.88 -20.90
N THR A 22 -34.43 13.70 -21.08
CA THR A 22 -34.84 14.64 -20.09
C THR A 22 -36.01 14.05 -19.30
N PHE A 23 -35.89 14.07 -17.98
CA PHE A 23 -36.91 13.50 -17.10
C PHE A 23 -37.50 14.54 -16.19
N ASN A 24 -38.77 14.32 -15.86
CA ASN A 24 -39.47 15.17 -14.93
C ASN A 24 -39.64 14.33 -13.68
N LEU A 25 -39.05 14.80 -12.57
CA LEU A 25 -39.06 14.05 -11.32
C LEU A 25 -39.59 14.89 -10.17
N ASP A 26 -40.12 14.22 -9.15
CA ASP A 26 -40.55 14.91 -7.95
C ASP A 26 -39.31 15.45 -7.23
N ILE A 27 -39.44 16.61 -6.60
CA ILE A 27 -38.39 17.15 -5.74
C ILE A 27 -38.42 16.44 -4.39
N PRO A 28 -37.31 15.77 -4.04
CA PRO A 28 -37.22 15.00 -2.80
C PRO A 28 -37.12 15.86 -1.55
N GLU A 29 -37.42 15.29 -0.39
CA GLU A 29 -37.22 16.00 0.88
C GLU A 29 -36.08 15.29 1.61
N PRO A 30 -35.21 16.06 2.28
CA PRO A 30 -34.02 15.40 2.84
C PRO A 30 -34.31 14.55 4.09
N LYS A 31 -33.69 13.37 4.17
CA LYS A 31 -33.66 12.54 5.40
C LYS A 31 -32.84 13.19 6.52
N VAL A 32 -32.95 12.64 7.72
CA VAL A 32 -32.32 13.15 8.94
C VAL A 32 -31.00 13.92 8.78
N HIS A 33 -30.02 13.32 8.09
CA HIS A 33 -28.70 13.92 7.93
C HIS A 33 -28.44 14.33 6.47
N GLU A 34 -29.48 14.42 5.65
CA GLU A 34 -29.32 14.85 4.26
C GLU A 34 -29.66 16.30 4.06
N ILE A 35 -29.04 16.93 3.04
CA ILE A 35 -29.41 18.29 2.62
C ILE A 35 -29.90 18.24 1.18
N LEU A 36 -30.79 19.17 0.82
CA LEU A 36 -31.33 19.23 -0.56
C LEU A 36 -30.69 20.48 -1.15
N VAL A 37 -29.99 20.31 -2.27
CA VAL A 37 -29.22 21.38 -2.87
C VAL A 37 -29.84 21.75 -4.22
N LYS A 38 -30.01 23.05 -4.44
CA LYS A 38 -30.43 23.56 -5.75
C LYS A 38 -29.15 23.84 -6.48
N ILE A 39 -28.90 23.04 -7.50
CA ILE A 39 -27.65 23.03 -8.27
C ILE A 39 -27.43 24.28 -9.11
N GLN A 40 -26.22 24.85 -9.07
CA GLN A 40 -25.86 25.99 -9.92
C GLN A 40 -24.94 25.59 -11.04
N SER A 41 -23.89 24.79 -10.73
CA SER A 41 -22.96 24.34 -11.75
C SER A 41 -22.47 22.90 -11.44
N ILE A 42 -22.03 22.17 -12.45
CA ILE A 42 -21.53 20.78 -12.28
C ILE A 42 -20.26 20.57 -13.11
N SER A 43 -19.53 19.47 -12.88
CA SER A 43 -18.39 19.21 -13.72
C SER A 43 -18.62 17.83 -14.23
N VAL A 44 -18.02 17.51 -15.39
CA VAL A 44 -18.12 16.19 -15.96
C VAL A 44 -16.73 15.55 -15.86
N ASN A 45 -16.68 14.31 -15.41
CA ASN A 45 -15.40 13.66 -15.07
C ASN A 45 -15.27 12.36 -15.84
N PRO A 46 -14.06 11.80 -15.89
CA PRO A 46 -13.90 10.50 -16.54
C PRO A 46 -14.87 9.48 -15.97
N VAL A 47 -15.15 9.55 -14.68
CA VAL A 47 -16.02 8.55 -14.06
C VAL A 47 -17.44 8.57 -14.61
N ASP A 48 -17.87 9.73 -15.11
CA ASP A 48 -19.21 9.82 -15.74
C ASP A 48 -19.26 8.89 -16.94
N THR A 49 -18.20 8.92 -17.74
CA THR A 49 -18.18 8.15 -19.00
C THR A 49 -18.09 6.65 -18.73
N LYS A 50 -17.43 6.26 -17.64
CA LYS A 50 -17.38 4.86 -17.26
C LYS A 50 -18.69 4.36 -16.66
N GLN A 51 -19.35 5.19 -15.86
CA GLN A 51 -20.61 4.82 -15.19
C GLN A 51 -21.75 4.73 -16.22
N ARG A 52 -21.62 5.47 -17.31
CA ARG A 52 -22.59 5.41 -18.43
C ARG A 52 -22.55 4.02 -19.12
N LEU A 53 -21.60 3.17 -18.73
CA LEU A 53 -21.55 1.80 -19.28
C LEU A 53 -22.10 0.73 -18.32
N MET A 54 -22.59 1.14 -17.16
CA MET A 54 -23.13 0.20 -16.17
C MET A 54 -24.61 -0.08 -16.35
N ASP A 55 -25.01 -1.29 -15.98
CA ASP A 55 -26.44 -1.64 -15.99
C ASP A 55 -27.24 -0.69 -15.13
N VAL A 56 -28.41 -0.32 -15.64
CA VAL A 56 -29.31 0.54 -14.92
C VAL A 56 -30.29 -0.32 -14.11
N SER A 57 -30.18 -0.22 -12.80
CA SER A 57 -30.96 -1.02 -11.89
C SER A 57 -32.42 -0.60 -11.92
N LYS A 58 -32.67 0.69 -11.73
CA LYS A 58 -34.01 1.26 -11.86
C LYS A 58 -33.97 2.61 -12.58
N ALA A 59 -34.65 2.69 -13.72
CA ALA A 59 -34.64 3.89 -14.56
C ALA A 59 -35.29 5.12 -13.93
N PRO A 60 -34.75 6.30 -14.24
CA PRO A 60 -33.52 6.41 -15.04
C PRO A 60 -32.25 6.48 -14.19
N ARG A 61 -31.10 6.15 -14.78
CA ARG A 61 -29.77 6.47 -14.18
C ARG A 61 -29.43 7.98 -14.38
N VAL A 62 -29.07 8.66 -13.30
CA VAL A 62 -28.71 10.09 -13.35
C VAL A 62 -27.28 10.26 -12.86
N LEU A 63 -26.39 10.70 -13.76
CA LEU A 63 -24.96 10.80 -13.43
C LEU A 63 -24.64 12.17 -12.88
N GLY A 64 -23.35 12.53 -12.85
CA GLY A 64 -22.96 13.79 -12.24
C GLY A 64 -22.36 13.63 -10.84
N PHE A 65 -21.05 13.88 -10.71
CA PHE A 65 -20.32 13.58 -9.46
C PHE A 65 -19.47 14.77 -9.03
N ASP A 66 -19.95 15.98 -9.36
CA ASP A 66 -19.32 17.20 -8.94
C ASP A 66 -20.41 18.25 -8.98
N ALA A 67 -20.59 19.01 -7.91
CA ALA A 67 -21.66 20.00 -7.88
C ALA A 67 -21.35 21.18 -6.99
N ILE A 68 -22.01 22.30 -7.29
CA ILE A 68 -22.07 23.40 -6.36
C ILE A 68 -23.46 24.01 -6.45
N GLY A 69 -23.98 24.48 -5.34
CA GLY A 69 -25.33 25.03 -5.35
C GLY A 69 -25.67 25.59 -4.01
N VAL A 70 -26.94 25.94 -3.85
CA VAL A 70 -27.45 26.54 -2.63
CA VAL A 70 -27.45 26.54 -2.63
C VAL A 70 -28.35 25.56 -1.87
N VAL A 71 -28.19 25.53 -0.56
CA VAL A 71 -28.95 24.57 0.28
C VAL A 71 -30.41 25.06 0.27
N GLU A 72 -31.32 24.22 -0.24
CA GLU A 72 -32.76 24.53 -0.25
C GLU A 72 -33.41 24.14 1.08
N SER A 73 -33.00 23.00 1.61
CA SER A 73 -33.57 22.53 2.86
C SER A 73 -32.64 21.53 3.49
N VAL A 74 -32.97 21.14 4.71
CA VAL A 74 -32.13 20.20 5.45
C VAL A 74 -32.96 19.25 6.29
N GLY A 75 -32.46 18.03 6.44
CA GLY A 75 -33.10 17.02 7.29
C GLY A 75 -33.02 17.46 8.73
N ASN A 76 -33.81 16.81 9.59
CA ASN A 76 -34.07 17.38 10.89
C ASN A 76 -33.00 17.22 11.97
N GLU A 77 -31.84 16.66 11.63
CA GLU A 77 -30.70 16.68 12.57
C GLU A 77 -29.42 17.21 11.93
N VAL A 78 -29.55 17.75 10.73
CA VAL A 78 -28.42 18.38 10.12
C VAL A 78 -28.01 19.56 10.98
N THR A 79 -26.73 19.67 11.30
CA THR A 79 -26.20 20.82 12.00
C THR A 79 -25.08 21.54 11.23
N MET A 80 -24.55 20.88 10.20
CA MET A 80 -23.35 21.35 9.50
C MET A 80 -23.66 22.50 8.49
N PHE A 81 -24.92 22.65 8.12
CA PHE A 81 -25.36 23.59 7.08
C PHE A 81 -26.76 24.15 7.37
N ASN A 82 -26.98 25.38 6.92
CA ASN A 82 -28.31 26.02 6.96
C ASN A 82 -28.85 26.29 5.55
N GLN A 83 -30.17 26.43 5.42
CA GLN A 83 -30.78 26.90 4.18
C GLN A 83 -30.02 28.17 3.76
N GLY A 84 -29.74 28.27 2.46
CA GLY A 84 -29.03 29.44 1.92
C GLY A 84 -27.53 29.28 1.75
N ASP A 85 -26.90 28.37 2.50
CA ASP A 85 -25.45 28.14 2.37
C ASP A 85 -25.08 27.71 0.94
N ILE A 86 -23.97 28.23 0.43
CA ILE A 86 -23.44 27.81 -0.86
C ILE A 86 -22.43 26.66 -0.62
N VAL A 87 -22.73 25.48 -1.14
CA VAL A 87 -21.88 24.30 -0.83
C VAL A 87 -21.45 23.58 -2.09
N TYR A 88 -20.39 22.77 -1.96
CA TYR A 88 -19.97 21.91 -3.08
C TYR A 88 -19.52 20.55 -2.57
N TYR A 89 -19.50 19.57 -3.47
CA TYR A 89 -19.36 18.16 -3.09
C TYR A 89 -19.32 17.33 -4.36
N SER A 90 -18.98 16.06 -4.18
CA SER A 90 -18.92 15.08 -5.23
C SER A 90 -20.04 14.04 -5.14
N GLY A 91 -20.23 13.47 -3.95
CA GLY A 91 -21.28 12.46 -3.71
C GLY A 91 -20.85 11.04 -4.02
N SER A 92 -21.75 10.26 -4.59
CA SER A 92 -21.52 8.80 -4.72
C SER A 92 -22.39 8.19 -5.84
N PRO A 93 -21.89 7.19 -6.57
CA PRO A 93 -22.64 6.67 -7.73
C PRO A 93 -23.87 5.80 -7.38
N ASP A 94 -24.07 5.50 -6.11
CA ASP A 94 -25.22 4.73 -5.67
C ASP A 94 -26.46 5.55 -5.38
N GLN A 95 -26.37 6.87 -5.67
CA GLN A 95 -27.51 7.79 -5.53
C GLN A 95 -27.62 8.68 -6.76
N ASN A 96 -28.79 9.24 -7.00
CA ASN A 96 -28.93 10.10 -8.17
C ASN A 96 -27.91 11.18 -8.06
N GLY A 97 -27.24 11.45 -9.18
CA GLY A 97 -26.20 12.46 -9.25
C GLY A 97 -26.63 13.89 -9.52
N SER A 98 -25.66 14.68 -9.96
CA SER A 98 -25.81 16.11 -10.00
C SER A 98 -26.33 16.61 -11.35
N ASN A 99 -26.58 15.70 -12.28
CA ASN A 99 -27.11 16.11 -13.59
C ASN A 99 -28.62 16.39 -13.43
N ALA A 100 -28.95 17.33 -12.55
CA ALA A 100 -30.36 17.60 -12.19
C ALA A 100 -30.48 18.95 -11.55
N GLU A 101 -31.70 19.50 -11.48
CA GLU A 101 -31.85 20.78 -10.87
C GLU A 101 -31.67 20.80 -9.36
N TYR A 102 -31.94 19.66 -8.71
CA TYR A 102 -31.83 19.53 -7.25
C TYR A 102 -31.19 18.19 -6.95
N GLN A 103 -30.59 18.04 -5.77
CA GLN A 103 -29.99 16.75 -5.41
C GLN A 103 -29.93 16.64 -3.91
N LEU A 104 -30.10 15.44 -3.40
CA LEU A 104 -29.83 15.12 -2.00
C LEU A 104 -28.42 14.61 -1.79
N ILE A 105 -27.81 15.03 -0.70
CA ILE A 105 -26.48 14.57 -0.32
C ILE A 105 -26.39 14.51 1.22
N ASN A 106 -25.70 13.53 1.76
CA ASN A 106 -25.44 13.48 3.21
C ASN A 106 -24.49 14.60 3.63
N GLU A 107 -24.78 15.27 4.75
CA GLU A 107 -23.93 16.40 5.21
C GLU A 107 -22.46 16.08 5.41
N ARG A 108 -22.11 14.82 5.66
CA ARG A 108 -20.74 14.55 6.00
C ARG A 108 -19.88 14.53 4.70
N LEU A 109 -20.54 14.64 3.53
CA LEU A 109 -19.84 14.60 2.25
C LEU A 109 -19.71 15.96 1.59
N VAL A 110 -20.06 17.02 2.32
CA VAL A 110 -20.21 18.37 1.75
C VAL A 110 -19.41 19.39 2.57
N ALA A 111 -19.00 20.47 1.90
CA ALA A 111 -18.48 21.64 2.61
C ALA A 111 -18.95 22.93 1.95
N LYS A 112 -18.93 24.04 2.67
CA LYS A 112 -19.26 25.29 2.00
C LYS A 112 -18.16 25.60 0.97
N ALA A 113 -18.56 26.12 -0.17
CA ALA A 113 -17.61 26.55 -1.21
C ALA A 113 -16.82 27.84 -0.88
N PRO A 114 -15.70 28.08 -1.59
CA PRO A 114 -14.91 29.29 -1.35
C PRO A 114 -15.67 30.51 -1.86
N LYS A 115 -15.49 31.65 -1.20
CA LYS A 115 -16.28 32.82 -1.55
C LYS A 115 -15.60 33.76 -2.52
N ASN A 116 -14.31 33.55 -2.71
CA ASN A 116 -13.50 34.45 -3.54
C ASN A 116 -13.32 34.03 -5.01
N ILE A 117 -14.00 32.98 -5.43
CA ILE A 117 -14.02 32.58 -6.82
C ILE A 117 -15.43 32.26 -7.25
N SER A 118 -15.65 32.23 -8.55
CA SER A 118 -16.93 31.95 -9.11
C SER A 118 -17.33 30.48 -8.91
N ALA A 119 -18.64 30.25 -9.01
CA ALA A 119 -19.18 28.90 -8.90
C ALA A 119 -18.64 27.98 -10.01
N GLU A 120 -18.53 28.49 -11.24
CA GLU A 120 -18.05 27.68 -12.34
C GLU A 120 -16.55 27.33 -12.18
N GLN A 121 -15.82 28.18 -11.45
CA GLN A 121 -14.43 27.82 -11.07
C GLN A 121 -14.38 26.87 -9.87
N ALA A 122 -15.23 27.09 -8.89
CA ALA A 122 -15.17 26.27 -7.68
C ALA A 122 -15.50 24.80 -7.92
N VAL A 123 -16.44 24.54 -8.82
CA VAL A 123 -16.94 23.20 -9.06
C VAL A 123 -15.91 22.31 -9.80
N SER A 124 -14.79 22.90 -10.26
CA SER A 124 -13.71 22.11 -10.80
C SER A 124 -13.01 21.25 -9.75
N LEU A 125 -13.27 21.52 -8.47
CA LEU A 125 -12.47 20.99 -7.38
C LEU A 125 -12.95 19.80 -6.53
N PRO A 126 -14.26 19.54 -6.43
CA PRO A 126 -14.61 18.54 -5.39
C PRO A 126 -14.14 17.11 -5.66
N LEU A 127 -14.53 16.51 -6.78
CA LEU A 127 -14.11 15.12 -7.06
C LEU A 127 -12.59 14.97 -7.17
N THR A 128 -11.96 15.86 -7.96
CA THR A 128 -10.52 15.74 -8.16
C THR A 128 -9.85 16.03 -6.82
N GLY A 129 -10.33 17.04 -6.09
CA GLY A 129 -9.67 17.34 -4.86
C GLY A 129 -9.81 16.27 -3.78
N ILE A 130 -10.99 15.73 -3.59
CA ILE A 130 -11.12 14.64 -2.60
C ILE A 130 -10.23 13.45 -3.03
N THR A 131 -10.27 13.10 -4.32
CA THR A 131 -9.39 11.99 -4.81
C THR A 131 -7.89 12.25 -4.55
N ALA A 132 -7.47 13.52 -4.74
CA ALA A 132 -6.06 13.89 -4.48
C ALA A 132 -5.71 13.87 -2.99
N TYR A 133 -6.62 14.40 -2.12
CA TYR A 133 -6.40 14.30 -0.67
C TYR A 133 -6.33 12.83 -0.16
N GLU A 134 -7.20 11.94 -0.64
CA GLU A 134 -7.14 10.51 -0.22
C GLU A 134 -5.80 9.94 -0.69
N THR A 135 -5.39 10.22 -1.92
CA THR A 135 -4.14 9.66 -2.47
C THR A 135 -2.98 10.15 -1.62
N LEU A 136 -3.01 11.43 -1.24
CA LEU A 136 -1.84 11.93 -0.52
C LEU A 136 -1.86 11.55 0.96
N PHE A 137 -3.00 11.80 1.62
CA PHE A 137 -3.07 11.62 3.07
C PHE A 137 -3.41 10.19 3.51
N ASP A 138 -4.38 9.63 2.84
CA ASP A 138 -4.76 8.24 3.16
C ASP A 138 -3.83 7.16 2.60
N VAL A 139 -3.54 7.24 1.33
CA VAL A 139 -2.80 6.17 0.64
C VAL A 139 -1.32 6.33 0.96
N PHE A 140 -0.71 7.49 0.58
CA PHE A 140 0.70 7.73 0.79
C PHE A 140 1.09 8.04 2.24
N GLY A 141 0.13 8.59 2.99
CA GLY A 141 0.34 8.91 4.41
C GLY A 141 1.22 10.13 4.66
N ILE A 142 1.17 11.12 3.78
CA ILE A 142 1.92 12.37 4.06
C ILE A 142 1.38 13.02 5.30
N SER A 143 2.26 13.82 5.92
CA SER A 143 1.89 14.56 7.11
C SER A 143 1.09 15.84 6.83
N ARG A 144 0.19 16.16 7.76
CA ARG A 144 -0.46 17.48 7.76
C ARG A 144 0.55 18.57 8.13
N ASN A 145 1.70 18.15 8.64
CA ASN A 145 2.77 19.09 9.11
C ASN A 145 3.82 19.23 8.00
N ARG A 146 3.93 20.42 7.42
CA ARG A 146 4.86 20.62 6.29
C ARG A 146 6.26 20.07 6.56
N ASN A 147 6.80 20.31 7.76
CA ASN A 147 8.16 19.90 8.11
C ASN A 147 8.41 18.40 7.95
N GLU A 148 7.38 17.62 8.23
CA GLU A 148 7.52 16.17 8.15
C GLU A 148 7.60 15.68 6.70
N ASN A 149 7.19 16.53 5.75
CA ASN A 149 7.19 16.17 4.30
C ASN A 149 8.37 16.77 3.54
N GLU A 150 9.05 17.74 4.15
CA GLU A 150 10.12 18.41 3.44
C GLU A 150 11.25 17.40 3.17
N GLY A 151 11.80 17.36 1.97
CA GLY A 151 12.81 16.33 1.62
C GLY A 151 12.19 15.16 0.88
N LYS A 152 10.86 15.13 0.86
CA LYS A 152 10.17 14.06 0.10
C LYS A 152 9.70 14.53 -1.28
N THR A 153 9.58 13.57 -2.23
CA THR A 153 9.22 13.90 -3.60
C THR A 153 8.11 12.97 -4.06
N LEU A 154 7.15 13.57 -4.75
CA LEU A 154 6.03 12.85 -5.43
C LEU A 154 6.25 12.92 -6.92
N LEU A 155 6.05 11.79 -7.63
CA LEU A 155 6.03 11.86 -9.08
C LEU A 155 4.59 11.56 -9.52
N ILE A 156 4.07 12.37 -10.42
CA ILE A 156 2.72 12.13 -10.99
C ILE A 156 2.87 11.86 -12.48
N ILE A 157 2.50 10.65 -12.92
CA ILE A 157 2.62 10.37 -14.34
C ILE A 157 1.33 10.77 -15.01
N ASN A 158 1.46 11.51 -16.11
CA ASN A 158 0.36 12.23 -16.76
C ASN A 158 -0.18 13.32 -15.83
N GLY A 159 0.56 14.41 -15.70
CA GLY A 159 0.28 15.43 -14.68
C GLY A 159 -0.78 16.51 -14.89
N ALA A 160 -1.19 16.68 -16.15
CA ALA A 160 -2.10 17.74 -16.52
C ALA A 160 -3.60 17.41 -16.50
N GLY A 161 -3.98 16.17 -16.18
CA GLY A 161 -5.41 15.81 -16.03
C GLY A 161 -6.06 16.40 -14.78
N GLY A 162 -7.34 16.10 -14.55
CA GLY A 162 -8.05 16.74 -13.43
C GLY A 162 -7.42 16.43 -12.08
N VAL A 163 -7.11 15.14 -11.80
CA VAL A 163 -6.61 14.80 -10.47
C VAL A 163 -5.16 15.30 -10.36
N GLY A 164 -4.40 15.14 -11.44
CA GLY A 164 -3.01 15.54 -11.45
C GLY A 164 -2.92 17.04 -11.14
N SER A 165 -3.80 17.84 -11.72
CA SER A 165 -3.75 19.31 -11.58
C SER A 165 -3.86 19.73 -10.13
N ILE A 166 -4.90 19.26 -9.45
CA ILE A 166 -5.10 19.66 -8.08
C ILE A 166 -4.11 18.95 -7.11
N ALA A 167 -3.73 17.70 -7.39
CA ALA A 167 -2.77 17.07 -6.50
C ALA A 167 -1.41 17.75 -6.47
N THR A 168 -1.04 18.32 -7.61
CA THR A 168 0.25 19.03 -7.72
C THR A 168 0.19 20.21 -6.72
N GLN A 169 -0.94 20.89 -6.71
CA GLN A 169 -1.13 22.04 -5.77
C GLN A 169 -1.12 21.65 -4.30
N ILE A 170 -1.83 20.57 -3.99
CA ILE A 170 -1.92 20.10 -2.63
C ILE A 170 -0.57 19.68 -2.14
N ALA A 171 0.12 18.82 -2.94
CA ALA A 171 1.40 18.33 -2.55
C ALA A 171 2.39 19.49 -2.30
N LYS A 172 2.34 20.53 -3.15
N LYS A 172 2.33 20.53 -3.15
CA LYS A 172 3.23 21.69 -2.97
CA LYS A 172 3.21 21.69 -2.97
C LYS A 172 2.91 22.43 -1.66
C LYS A 172 2.91 22.42 -1.67
N ALA A 173 1.63 22.66 -1.43
CA ALA A 173 1.17 23.33 -0.17
C ALA A 173 1.65 22.62 1.09
N TYR A 174 1.70 21.28 1.05
CA TYR A 174 2.10 20.47 2.20
C TYR A 174 3.60 20.11 2.22
N GLY A 175 4.39 20.81 1.40
CA GLY A 175 5.83 20.71 1.56
C GLY A 175 6.61 19.75 0.69
N LEU A 176 5.95 19.02 -0.22
CA LEU A 176 6.66 18.09 -1.09
CA LEU A 176 6.70 18.10 -1.07
C LEU A 176 7.22 18.76 -2.33
N ARG A 177 8.27 18.15 -2.86
CA ARG A 177 8.71 18.43 -4.23
C ARG A 177 7.81 17.63 -5.17
N VAL A 178 7.33 18.21 -6.25
CA VAL A 178 6.46 17.49 -7.18
C VAL A 178 7.08 17.44 -8.56
N ILE A 179 7.26 16.23 -9.08
CA ILE A 179 7.73 16.01 -10.46
C ILE A 179 6.54 15.47 -11.23
N THR A 180 6.22 16.07 -12.37
CA THR A 180 5.06 15.57 -13.14
C THR A 180 5.56 15.17 -14.51
N THR A 181 4.75 14.45 -15.28
CA THR A 181 5.12 14.20 -16.67
C THR A 181 4.05 14.82 -17.62
N ALA A 182 4.52 15.32 -18.76
CA ALA A 182 3.65 15.93 -19.77
C ALA A 182 4.44 15.82 -21.06
N SER A 183 3.75 15.65 -22.18
CA SER A 183 4.49 15.35 -23.40
C SER A 183 4.13 16.23 -24.59
N ARG A 184 3.33 17.25 -24.37
CA ARG A 184 3.04 18.19 -25.47
C ARG A 184 3.01 19.57 -24.89
N ASN A 185 3.27 20.58 -25.72
CA ASN A 185 3.36 21.94 -25.22
C ASN A 185 2.25 22.44 -24.25
N GLU A 186 0.99 22.22 -24.64
CA GLU A 186 -0.20 22.58 -23.87
C GLU A 186 -0.12 22.02 -22.42
N THR A 187 0.18 20.74 -22.34
CA THR A 187 0.15 20.10 -21.02
C THR A 187 1.36 20.49 -20.17
N ILE A 188 2.51 20.71 -20.80
CA ILE A 188 3.73 21.11 -20.10
C ILE A 188 3.52 22.46 -19.47
N GLU A 189 2.98 23.42 -20.23
CA GLU A 189 2.73 24.71 -19.69
C GLU A 189 1.75 24.64 -18.50
N TRP A 190 0.71 23.83 -18.63
CA TRP A 190 -0.36 23.80 -17.63
C TRP A 190 0.16 23.22 -16.30
N THR A 191 0.89 22.12 -16.38
CA THR A 191 1.42 21.49 -15.15
C THR A 191 2.44 22.45 -14.45
N LYS A 192 3.22 23.19 -15.24
CA LYS A 192 4.07 24.20 -14.64
C LYS A 192 3.24 25.24 -13.91
N LYS A 193 2.13 25.64 -14.53
CA LYS A 193 1.27 26.63 -13.92
C LYS A 193 0.65 26.08 -12.63
N MET A 194 0.37 24.78 -12.60
CA MET A 194 -0.13 24.17 -11.37
C MET A 194 0.93 24.08 -10.25
N GLY A 195 2.21 24.25 -10.59
CA GLY A 195 3.30 24.24 -9.56
C GLY A 195 4.35 23.15 -9.68
N ALA A 196 4.30 22.33 -10.72
CA ALA A 196 5.32 21.28 -10.83
C ALA A 196 6.73 21.85 -10.75
N ASP A 197 7.58 21.22 -9.94
CA ASP A 197 9.01 21.60 -9.82
C ASP A 197 9.86 21.17 -11.03
N ILE A 198 9.54 20.01 -11.59
CA ILE A 198 10.31 19.39 -12.67
C ILE A 198 9.27 18.72 -13.51
N VAL A 199 9.40 18.85 -14.83
CA VAL A 199 8.49 18.20 -15.77
C VAL A 199 9.25 17.34 -16.70
N LEU A 200 8.83 16.09 -16.78
CA LEU A 200 9.53 15.05 -17.55
C LEU A 200 8.61 14.61 -18.68
N ASN A 201 9.17 13.94 -19.68
CA ASN A 201 8.38 13.49 -20.83
C ASN A 201 8.16 11.99 -20.76
N HIS A 202 6.91 11.56 -20.59
CA HIS A 202 6.61 10.16 -20.41
C HIS A 202 6.70 9.37 -21.72
N LYS A 203 6.94 10.05 -22.84
CA LYS A 203 7.16 9.38 -24.15
C LYS A 203 8.59 8.91 -24.29
N GLU A 204 9.47 9.38 -23.41
CA GLU A 204 10.86 8.93 -23.44
C GLU A 204 11.21 8.27 -22.11
N SER A 205 12.32 7.53 -22.06
CA SER A 205 12.65 6.73 -20.93
C SER A 205 12.67 7.61 -19.71
N LEU A 206 11.89 7.26 -18.69
CA LEU A 206 11.79 8.14 -17.53
C LEU A 206 13.02 7.89 -16.66
N LEU A 207 13.46 6.65 -16.59
CA LEU A 207 14.64 6.35 -15.78
C LEU A 207 15.88 7.08 -16.30
N ASN A 208 15.97 7.23 -17.62
CA ASN A 208 17.11 7.88 -18.23
C ASN A 208 17.08 9.37 -17.93
N GLN A 209 15.88 9.95 -17.92
CA GLN A 209 15.69 11.31 -17.48
C GLN A 209 16.11 11.50 -16.00
N PHE A 210 15.74 10.55 -15.14
CA PHE A 210 16.18 10.66 -13.74
C PHE A 210 17.71 10.65 -13.67
N LYS A 211 18.37 9.71 -14.36
CA LYS A 211 19.84 9.58 -14.23
C LYS A 211 20.54 10.86 -14.76
N THR A 212 20.06 11.35 -15.88
CA THR A 212 20.81 12.40 -16.55
C THR A 212 20.53 13.73 -15.86
N GLN A 213 19.40 13.80 -15.14
CA GLN A 213 19.09 15.03 -14.38
C GLN A 213 19.46 14.91 -12.88
N GLY A 214 19.94 13.75 -12.43
CA GLY A 214 20.44 13.66 -11.05
C GLY A 214 19.27 13.60 -10.06
N ILE A 215 18.16 13.06 -10.54
CA ILE A 215 16.96 12.93 -9.69
C ILE A 215 17.00 11.67 -8.85
N GLU A 216 16.92 11.81 -7.53
CA GLU A 216 16.89 10.68 -6.59
C GLU A 216 15.55 9.91 -6.77
N LEU A 217 15.59 8.61 -6.53
CA LEU A 217 14.32 7.85 -6.56
C LEU A 217 13.29 8.50 -5.64
N VAL A 218 12.04 8.61 -6.11
CA VAL A 218 10.98 9.29 -5.39
C VAL A 218 10.32 8.51 -4.26
N ASP A 219 9.70 9.22 -3.34
CA ASP A 219 9.03 8.56 -2.22
C ASP A 219 7.72 7.91 -2.65
N TYR A 220 7.02 8.56 -3.58
CA TYR A 220 5.63 8.21 -3.93
C TYR A 220 5.45 8.45 -5.40
N VAL A 221 4.76 7.49 -6.06
CA VAL A 221 4.46 7.65 -7.49
C VAL A 221 2.97 7.40 -7.69
N PHE A 222 2.24 8.29 -8.35
CA PHE A 222 0.96 7.75 -8.89
C PHE A 222 0.69 8.09 -10.33
N CYS A 223 -0.10 7.22 -10.97
CA CYS A 223 -0.33 7.24 -12.40
C CYS A 223 -1.79 7.57 -12.60
N THR A 224 -2.05 8.50 -13.52
CA THR A 224 -3.43 8.90 -13.79
C THR A 224 -3.96 8.42 -15.16
N PHE A 225 -3.12 7.80 -15.97
CA PHE A 225 -3.61 7.33 -17.28
C PHE A 225 -2.68 6.28 -17.83
N ASN A 226 -3.28 5.23 -18.42
CA ASN A 226 -2.53 4.13 -19.02
C ASN A 226 -1.58 3.45 -18.04
N THR A 227 -2.10 3.03 -16.89
CA THR A 227 -1.24 2.36 -15.92
C THR A 227 -0.56 1.06 -16.42
N ASP A 228 -1.18 0.32 -17.34
CA ASP A 228 -0.49 -0.87 -17.82
C ASP A 228 0.86 -0.46 -18.44
N MET A 229 0.88 0.65 -19.16
CA MET A 229 2.10 1.09 -19.85
C MET A 229 3.19 1.51 -18.85
N TYR A 230 2.77 2.03 -17.70
CA TYR A 230 3.72 2.62 -16.76
C TYR A 230 3.99 1.88 -15.45
N TYR A 231 3.33 0.77 -15.26
CA TYR A 231 3.56 -0.08 -14.09
C TYR A 231 5.05 -0.32 -13.81
N ASP A 232 5.80 -0.85 -14.79
CA ASP A 232 7.21 -1.14 -14.58
C ASP A 232 8.05 0.10 -14.36
N ASP A 233 7.69 1.20 -15.03
CA ASP A 233 8.31 2.52 -14.77
C ASP A 233 8.15 2.98 -13.34
N MET A 234 6.93 2.86 -12.81
CA MET A 234 6.66 3.30 -11.40
C MET A 234 7.54 2.51 -10.44
N ILE A 235 7.75 1.21 -10.72
CA ILE A 235 8.60 0.40 -9.87
C ILE A 235 10.07 0.87 -9.99
N GLN A 236 10.49 1.26 -11.19
CA GLN A 236 11.88 1.64 -11.40
C GLN A 236 12.16 2.96 -10.70
N LEU A 237 11.18 3.82 -10.67
CA LEU A 237 11.47 5.23 -10.29
C LEU A 237 11.27 5.46 -8.82
N VAL A 238 10.59 4.56 -8.13
CA VAL A 238 10.31 4.75 -6.67
C VAL A 238 11.47 4.21 -5.80
N LYS A 239 11.69 4.83 -4.63
CA LYS A 239 12.67 4.35 -3.70
C LYS A 239 12.35 2.97 -3.06
N PRO A 240 13.38 2.27 -2.55
CA PRO A 240 13.10 1.03 -1.83
C PRO A 240 12.08 1.27 -0.71
N ARG A 241 11.13 0.37 -0.58
CA ARG A 241 10.06 0.44 0.44
C ARG A 241 9.09 1.57 0.17
N GLY A 242 9.15 2.15 -1.03
CA GLY A 242 8.26 3.17 -1.51
C GLY A 242 6.84 2.72 -1.84
N HIS A 243 6.05 3.66 -2.36
CA HIS A 243 4.61 3.42 -2.53
C HIS A 243 4.21 3.94 -3.88
N ILE A 244 3.55 3.06 -4.67
CA ILE A 244 3.04 3.41 -5.98
C ILE A 244 1.54 3.22 -6.03
N ALA A 245 0.86 3.97 -6.88
CA ALA A 245 -0.60 3.92 -6.91
C ALA A 245 -1.18 4.31 -8.25
N THR A 246 -2.40 3.86 -8.50
CA THR A 246 -3.11 4.29 -9.70
C THR A 246 -4.52 4.80 -9.32
N ILE A 247 -5.09 5.65 -10.17
CA ILE A 247 -6.49 6.01 -10.06
C ILE A 247 -7.28 5.55 -11.28
N VAL A 248 -6.62 4.81 -12.17
CA VAL A 248 -7.30 4.24 -13.33
C VAL A 248 -7.12 2.73 -13.39
N ALA A 249 -8.13 2.07 -13.95
CA ALA A 249 -8.09 0.60 -14.07
C ALA A 249 -7.06 0.08 -15.05
N PHE A 250 -6.56 -1.12 -14.73
CA PHE A 250 -5.67 -1.88 -15.64
C PHE A 250 -6.49 -2.58 -16.72
N GLU A 251 -5.97 -2.59 -17.95
CA GLU A 251 -6.50 -3.50 -18.97
C GLU A 251 -6.10 -4.94 -18.69
N ASN A 252 -4.88 -5.14 -18.23
CA ASN A 252 -4.27 -6.46 -18.09
C ASN A 252 -3.94 -6.81 -16.65
N ASP A 253 -3.94 -8.09 -16.30
CA ASP A 253 -3.34 -8.53 -15.02
C ASP A 253 -1.87 -8.15 -15.01
N GLN A 254 -1.32 -8.09 -13.79
CA GLN A 254 0.07 -7.66 -13.61
C GLN A 254 0.84 -8.64 -12.72
N ASP A 255 2.16 -8.61 -12.83
CA ASP A 255 3.02 -9.45 -11.99
C ASP A 255 3.24 -8.75 -10.67
N LEU A 256 2.57 -9.22 -9.62
CA LEU A 256 2.77 -8.58 -8.30
C LEU A 256 4.13 -8.90 -7.69
N ASN A 257 4.83 -9.89 -8.22
CA ASN A 257 6.20 -10.12 -7.78
C ASN A 257 7.18 -9.03 -8.20
N ALA A 258 6.76 -8.16 -9.11
CA ALA A 258 7.63 -7.06 -9.56
C ALA A 258 7.81 -6.09 -8.37
N LEU A 259 6.90 -6.17 -7.40
CA LEU A 259 6.96 -5.26 -6.16
C LEU A 259 7.96 -5.82 -5.18
N LYS A 260 8.43 -7.05 -5.36
CA LYS A 260 9.20 -7.70 -4.31
C LYS A 260 10.62 -7.16 -4.06
N PRO A 261 11.43 -6.96 -5.13
CA PRO A 261 12.83 -6.57 -4.88
C PRO A 261 13.01 -5.30 -4.00
N LYS A 262 12.13 -4.33 -4.21
CA LYS A 262 12.20 -3.09 -3.40
C LYS A 262 11.16 -3.11 -2.26
N SER A 263 10.54 -4.26 -2.02
CA SER A 263 9.55 -4.39 -0.89
C SER A 263 8.49 -3.30 -1.01
N LEU A 264 7.89 -3.18 -2.19
CA LEU A 264 6.98 -2.05 -2.46
C LEU A 264 5.51 -2.21 -2.06
N SER A 265 4.79 -1.10 -1.92
CA SER A 265 3.35 -1.08 -1.74
C SER A 265 2.73 -0.56 -3.04
N PHE A 266 1.54 -1.09 -3.37
CA PHE A 266 0.77 -0.66 -4.48
C PHE A 266 -0.66 -0.49 -4.01
N SER A 267 -1.20 0.71 -4.29
CA SER A 267 -2.60 1.02 -3.97
C SER A 267 -3.45 1.37 -5.21
N HIS A 268 -4.70 0.91 -5.21
CA HIS A 268 -5.66 1.36 -6.21
C HIS A 268 -6.64 2.28 -5.52
N GLU A 269 -6.49 3.58 -5.80
CA GLU A 269 -7.25 4.60 -5.08
C GLU A 269 -8.65 4.69 -5.72
N PHE A 270 -9.69 4.62 -4.90
CA PHE A 270 -11.05 4.80 -5.37
C PHE A 270 -11.82 5.71 -4.40
N MET A 271 -12.14 6.91 -4.88
CA MET A 271 -12.67 8.00 -4.07
C MET A 271 -14.04 7.60 -3.51
N PHE A 272 -14.75 6.69 -4.20
CA PHE A 272 -16.10 6.37 -3.75
C PHE A 272 -16.16 5.22 -2.75
N ALA A 273 -15.00 4.65 -2.39
CA ALA A 273 -15.03 3.56 -1.44
C ALA A 273 -15.69 3.99 -0.13
N ARG A 274 -15.40 5.21 0.35
CA ARG A 274 -15.97 5.65 1.64
C ARG A 274 -17.51 5.75 1.65
N PRO A 275 -18.08 6.50 0.69
CA PRO A 275 -19.56 6.59 0.75
C PRO A 275 -20.23 5.27 0.35
N LEU A 276 -19.63 4.53 -0.55
CA LEU A 276 -20.30 3.29 -1.02
C LEU A 276 -20.34 2.23 0.08
N ASN A 277 -19.35 2.26 0.96
CA ASN A 277 -19.30 1.35 2.12
C ASN A 277 -19.82 1.96 3.42
N GLN A 278 -20.35 3.19 3.30
CA GLN A 278 -20.84 3.96 4.44
CA GLN A 278 -20.83 3.98 4.44
C GLN A 278 -19.84 3.88 5.61
N THR A 279 -18.57 4.13 5.31
CA THR A 279 -17.54 3.99 6.35
C THR A 279 -17.76 4.99 7.48
N ASP A 280 -17.27 4.62 8.66
CA ASP A 280 -17.33 5.46 9.84
CA ASP A 280 -17.32 5.45 9.84
C ASP A 280 -16.64 6.81 9.65
N ASP A 281 -15.68 6.89 8.72
CA ASP A 281 -14.92 8.10 8.51
C ASP A 281 -15.27 8.82 7.20
N MET A 282 -16.51 8.66 6.73
CA MET A 282 -17.02 9.41 5.56
C MET A 282 -16.79 10.93 5.72
N ILE A 283 -16.74 11.40 6.97
CA ILE A 283 -16.54 12.82 7.26
C ILE A 283 -15.22 13.34 6.65
N LYS A 284 -14.27 12.42 6.36
CA LYS A 284 -13.06 12.90 5.68
C LYS A 284 -13.36 13.67 4.38
N HIS A 285 -14.41 13.29 3.65
CA HIS A 285 -14.73 14.05 2.44
C HIS A 285 -15.05 15.51 2.80
N HIS A 286 -15.92 15.71 3.81
CA HIS A 286 -16.16 17.08 4.29
C HIS A 286 -14.84 17.76 4.63
N GLU A 287 -13.98 17.07 5.38
CA GLU A 287 -12.74 17.65 5.87
C GLU A 287 -11.80 18.08 4.79
N TYR A 288 -11.70 17.25 3.75
CA TYR A 288 -10.85 17.62 2.65
C TYR A 288 -11.42 18.78 1.84
N LEU A 289 -12.73 18.78 1.65
CA LEU A 289 -13.40 19.85 0.88
C LEU A 289 -13.24 21.17 1.64
N GLU A 290 -13.36 21.10 2.94
CA GLU A 290 -13.17 22.32 3.78
C GLU A 290 -11.72 22.82 3.67
N ASP A 291 -10.73 21.91 3.70
CA ASP A 291 -9.35 22.37 3.53
C ASP A 291 -9.14 23.02 2.17
N ILE A 292 -9.72 22.46 1.11
CA ILE A 292 -9.62 23.08 -0.19
C ILE A 292 -10.24 24.50 -0.18
N THR A 293 -11.42 24.60 0.40
CA THR A 293 -12.09 25.90 0.50
C THR A 293 -11.19 26.91 1.22
N ASN A 294 -10.56 26.49 2.32
CA ASN A 294 -9.69 27.40 3.12
C ASN A 294 -8.48 27.82 2.31
N LYS A 295 -7.86 26.86 1.64
CA LYS A 295 -6.67 27.21 0.84
C LYS A 295 -7.02 28.01 -0.42
N VAL A 296 -8.21 27.82 -0.98
CA VAL A 296 -8.63 28.67 -2.09
C VAL A 296 -8.78 30.13 -1.58
N GLU A 297 -9.50 30.27 -0.45
CA GLU A 297 -9.72 31.61 0.14
C GLU A 297 -8.40 32.26 0.56
N GLN A 298 -7.37 31.46 0.82
CA GLN A 298 -6.03 32.02 1.14
C GLN A 298 -5.16 32.23 -0.08
N ASN A 299 -5.70 31.95 -1.26
CA ASN A 299 -4.94 32.10 -2.50
C ASN A 299 -3.76 31.13 -2.62
N ILE A 300 -3.85 29.99 -1.92
CA ILE A 300 -2.84 28.92 -2.01
C ILE A 300 -3.17 27.92 -3.13
N TYR A 301 -4.45 27.61 -3.32
CA TYR A 301 -4.90 26.83 -4.48
C TYR A 301 -5.64 27.71 -5.48
N GLN A 302 -5.56 27.31 -6.74
CA GLN A 302 -6.30 27.92 -7.83
C GLN A 302 -7.24 26.92 -8.45
N PRO A 303 -8.41 27.39 -8.90
CA PRO A 303 -9.31 26.48 -9.61
C PRO A 303 -8.74 26.05 -10.96
N THR A 304 -9.36 25.05 -11.57
CA THR A 304 -8.74 24.34 -12.69
C THR A 304 -9.70 24.26 -13.88
N THR A 305 -10.80 25.02 -13.83
CA THR A 305 -11.75 25.00 -14.92
C THR A 305 -11.10 25.63 -16.14
N THR A 306 -11.20 24.97 -17.29
CA THR A 306 -10.62 25.54 -18.52
C THR A 306 -11.65 25.53 -19.63
N LYS A 307 -12.79 24.87 -19.43
CA LYS A 307 -13.86 24.94 -20.42
C LYS A 307 -15.24 24.94 -19.80
N VAL A 308 -16.08 25.85 -20.28
CA VAL A 308 -17.43 25.94 -19.78
C VAL A 308 -18.45 25.77 -20.91
N ILE A 309 -19.47 24.95 -20.65
CA ILE A 309 -20.60 24.78 -21.52
C ILE A 309 -21.80 25.30 -20.76
N GLU A 310 -22.64 26.06 -21.46
CA GLU A 310 -23.76 26.71 -20.82
C GLU A 310 -25.05 25.93 -21.06
N GLY A 311 -25.70 25.52 -19.98
CA GLY A 311 -26.97 24.82 -20.09
C GLY A 311 -26.94 23.34 -19.77
N LEU A 312 -27.78 22.90 -18.83
CA LEU A 312 -27.97 21.49 -18.54
C LEU A 312 -29.02 20.93 -19.50
N THR A 313 -28.56 20.29 -20.58
CA THR A 313 -29.41 19.71 -21.63
C THR A 313 -28.84 18.37 -22.07
N THR A 314 -29.65 17.52 -22.71
CA THR A 314 -29.10 16.25 -23.20
C THR A 314 -27.98 16.46 -24.21
N GLU A 315 -28.11 17.45 -25.09
CA GLU A 315 -27.08 17.70 -26.09
C GLU A 315 -25.74 18.06 -25.43
N ASN A 316 -25.83 18.88 -24.37
CA ASN A 316 -24.63 19.35 -23.70
C ASN A 316 -23.96 18.25 -22.89
N ILE A 317 -24.75 17.42 -22.25
CA ILE A 317 -24.17 16.29 -21.50
C ILE A 317 -23.47 15.34 -22.46
N TYR A 318 -24.13 15.06 -23.59
CA TYR A 318 -23.53 14.20 -24.60
C TYR A 318 -22.21 14.81 -25.08
N GLN A 319 -22.24 16.09 -25.41
CA GLN A 319 -21.01 16.72 -25.92
C GLN A 319 -19.90 16.65 -24.86
N ALA A 320 -20.28 16.77 -23.58
CA ALA A 320 -19.28 16.66 -22.51
C ALA A 320 -18.70 15.25 -22.43
N HIS A 321 -19.54 14.23 -22.56
CA HIS A 321 -19.05 12.86 -22.58
C HIS A 321 -18.06 12.62 -23.74
N GLN A 322 -18.36 13.13 -24.93
CA GLN A 322 -17.45 13.01 -26.07
C GLN A 322 -16.09 13.63 -25.78
N ILE A 323 -16.11 14.83 -25.21
CA ILE A 323 -14.90 15.59 -24.82
C ILE A 323 -14.10 14.77 -23.80
N LEU A 324 -14.77 14.25 -22.77
CA LEU A 324 -14.08 13.46 -21.78
C LEU A 324 -13.47 12.15 -22.35
N GLU A 325 -14.21 11.47 -23.23
CA GLU A 325 -13.73 10.20 -23.81
C GLU A 325 -12.51 10.40 -24.70
N SER A 326 -12.34 11.61 -25.19
CA SER A 326 -11.22 11.92 -26.09
C SER A 326 -9.88 11.99 -25.34
N ASN A 327 -9.95 12.07 -24.00
CA ASN A 327 -8.75 12.20 -23.16
C ASN A 327 -7.82 13.33 -23.58
N THR A 328 -8.37 14.40 -24.13
CA THR A 328 -7.54 15.52 -24.56
C THR A 328 -7.67 16.75 -23.64
N MET A 329 -8.58 16.66 -22.66
CA MET A 329 -8.86 17.78 -21.74
C MET A 329 -7.66 18.12 -20.88
N ILE A 330 -7.36 19.42 -20.77
CA ILE A 330 -6.42 19.94 -19.79
C ILE A 330 -7.23 20.60 -18.65
N GLY A 331 -7.00 20.20 -17.40
CA GLY A 331 -7.85 20.74 -16.31
C GLY A 331 -9.29 20.22 -16.41
N LYS A 332 -10.29 21.10 -16.17
CA LYS A 332 -11.68 20.66 -15.96
C LYS A 332 -12.74 21.28 -16.88
N LEU A 333 -13.72 20.46 -17.25
CA LEU A 333 -14.90 20.89 -18.02
C LEU A 333 -16.12 21.01 -17.12
N VAL A 334 -16.81 22.16 -17.22
CA VAL A 334 -17.91 22.53 -16.36
C VAL A 334 -19.17 22.84 -17.18
N ILE A 335 -20.33 22.56 -16.62
CA ILE A 335 -21.57 22.97 -17.23
C ILE A 335 -22.30 23.85 -16.24
N ASN A 336 -22.70 25.03 -16.70
CA ASN A 336 -23.50 25.90 -15.85
C ASN A 336 -24.97 25.64 -16.07
N LEU A 337 -25.77 25.46 -15.01
CA LEU A 337 -27.21 25.22 -15.27
C LEU A 337 -27.85 26.53 -15.76
N LEU B 3 38.79 -21.28 7.02
CA LEU B 3 37.45 -21.58 7.58
C LEU B 3 36.69 -22.47 6.61
N LYS B 4 35.77 -23.28 7.13
CA LYS B 4 35.00 -24.17 6.29
C LYS B 4 33.68 -23.53 5.93
N ALA B 5 33.12 -23.95 4.79
CA ALA B 5 31.80 -23.47 4.33
C ALA B 5 31.08 -24.53 3.49
N ILE B 6 29.75 -24.50 3.49
CA ILE B 6 28.96 -25.38 2.62
C ILE B 6 28.34 -24.52 1.54
N GLY B 7 28.51 -24.95 0.30
CA GLY B 7 28.08 -24.14 -0.83
C GLY B 7 27.76 -24.98 -2.05
N PHE B 8 27.57 -24.31 -3.17
CA PHE B 8 27.29 -25.00 -4.41
C PHE B 8 27.78 -24.14 -5.57
N GLU B 9 28.00 -24.78 -6.72
CA GLU B 9 28.54 -24.08 -7.88
C GLU B 9 27.45 -23.72 -8.87
N GLN B 10 26.40 -24.52 -8.91
CA GLN B 10 25.29 -24.29 -9.82
C GLN B 10 23.95 -24.60 -9.18
N PRO B 11 22.89 -23.89 -9.60
CA PRO B 11 21.55 -24.10 -9.04
C PRO B 11 21.02 -25.50 -9.35
N PHE B 12 20.16 -26.03 -8.47
CA PHE B 12 19.71 -27.42 -8.62
C PHE B 12 18.43 -27.77 -7.85
N LYS B 13 17.68 -28.73 -8.38
CA LYS B 13 16.53 -29.24 -7.67
C LYS B 13 17.00 -30.43 -6.88
N LEU B 14 16.31 -30.75 -5.81
CA LEU B 14 16.82 -31.77 -4.94
C LEU B 14 16.85 -33.11 -5.63
N SER B 15 15.91 -33.35 -6.55
CA SER B 15 15.85 -34.62 -7.26
C SER B 15 17.04 -34.80 -8.22
N ASP B 16 17.75 -33.70 -8.52
CA ASP B 16 19.01 -33.79 -9.25
C ASP B 16 20.04 -34.61 -8.49
N GLY B 17 20.00 -34.48 -7.16
CA GLY B 17 20.95 -35.17 -6.28
C GLY B 17 21.49 -34.17 -5.27
N ASN B 18 22.29 -34.64 -4.32
CA ASN B 18 22.90 -33.73 -3.35
C ASN B 18 24.13 -33.07 -3.96
N LEU B 19 23.98 -31.83 -4.43
CA LEU B 19 25.06 -31.08 -5.07
C LEU B 19 25.69 -30.00 -4.19
N PHE B 20 25.49 -30.09 -2.88
CA PHE B 20 26.24 -29.24 -1.97
C PHE B 20 27.67 -29.78 -1.85
N LYS B 21 28.65 -28.89 -1.75
CA LYS B 21 30.05 -29.29 -1.55
C LYS B 21 30.68 -28.48 -0.42
N THR B 22 31.74 -29.02 0.20
CA THR B 22 32.46 -28.26 1.21
C THR B 22 33.51 -27.35 0.59
N PHE B 23 33.81 -26.24 1.24
CA PHE B 23 34.80 -25.30 0.75
C PHE B 23 35.68 -24.79 1.88
N ASN B 24 36.97 -24.55 1.58
CA ASN B 24 37.90 -23.98 2.54
C ASN B 24 38.29 -22.57 2.13
N LEU B 25 37.83 -21.58 2.88
CA LEU B 25 38.17 -20.19 2.58
C LEU B 25 39.01 -19.57 3.69
N ASP B 26 39.64 -18.45 3.39
CA ASP B 26 40.39 -17.71 4.39
C ASP B 26 39.42 -17.08 5.37
N ILE B 27 39.96 -16.40 6.39
CA ILE B 27 39.18 -15.55 7.27
C ILE B 27 39.61 -14.10 7.05
N PRO B 28 38.72 -13.28 6.45
CA PRO B 28 39.15 -11.94 6.10
C PRO B 28 39.22 -11.04 7.33
N GLU B 29 39.66 -9.80 7.14
CA GLU B 29 39.51 -8.81 8.18
C GLU B 29 38.20 -8.09 7.88
N PRO B 30 37.60 -7.47 8.92
CA PRO B 30 36.33 -6.75 8.77
C PRO B 30 36.49 -5.37 8.14
N LYS B 31 35.77 -5.11 7.05
CA LYS B 31 35.73 -3.76 6.52
C LYS B 31 35.47 -2.83 7.69
N VAL B 32 35.65 -1.54 7.50
CA VAL B 32 35.63 -0.58 8.60
C VAL B 32 34.35 -0.56 9.48
N HIS B 33 33.16 -0.73 8.90
CA HIS B 33 31.94 -0.76 9.71
C HIS B 33 31.46 -2.19 9.90
N GLU B 34 32.28 -3.13 9.46
CA GLU B 34 31.97 -4.52 9.64
C GLU B 34 32.46 -5.09 10.98
N ILE B 35 31.82 -6.19 11.40
CA ILE B 35 32.28 -6.97 12.53
C ILE B 35 32.43 -8.38 11.97
N LEU B 36 33.32 -9.16 12.57
CA LEU B 36 33.54 -10.54 12.15
C LEU B 36 33.03 -11.50 13.24
N VAL B 37 32.29 -12.54 12.86
CA VAL B 37 31.55 -13.41 13.81
C VAL B 37 31.90 -14.90 13.66
N LYS B 38 32.26 -15.55 14.77
CA LYS B 38 32.41 -16.98 14.76
C LYS B 38 31.07 -17.65 15.05
N ILE B 39 30.59 -18.43 14.09
CA ILE B 39 29.19 -18.90 14.11
C ILE B 39 28.97 -20.06 15.05
N GLN B 40 27.95 -19.96 15.91
CA GLN B 40 27.54 -21.08 16.75
C GLN B 40 26.36 -21.90 16.19
N SER B 41 25.27 -21.25 15.78
CA SER B 41 24.12 -21.99 15.24
C SER B 41 23.50 -21.18 14.09
N ILE B 42 22.78 -21.84 13.20
CA ILE B 42 22.11 -21.12 12.13
C ILE B 42 20.68 -21.64 11.98
N SER B 43 19.88 -20.98 11.14
CA SER B 43 18.53 -21.48 10.86
C SER B 43 18.40 -21.63 9.35
N VAL B 44 17.53 -22.53 8.89
CA VAL B 44 17.24 -22.60 7.47
C VAL B 44 15.86 -21.99 7.21
N ASN B 45 15.74 -21.26 6.14
CA ASN B 45 14.49 -20.58 5.83
C ASN B 45 14.06 -20.90 4.43
N PRO B 46 12.74 -20.81 4.18
CA PRO B 46 12.22 -21.02 2.84
C PRO B 46 13.14 -20.42 1.79
N VAL B 47 13.65 -19.23 2.10
CA VAL B 47 14.46 -18.51 1.15
C VAL B 47 15.69 -19.29 0.67
N ASP B 48 16.37 -19.98 1.58
CA ASP B 48 17.52 -20.80 1.18
C ASP B 48 17.14 -21.77 0.05
N THR B 49 15.93 -22.35 0.12
CA THR B 49 15.49 -23.26 -0.93
C THR B 49 15.26 -22.51 -2.23
N LYS B 50 14.80 -21.26 -2.11
CA LYS B 50 14.54 -20.41 -3.27
C LYS B 50 15.85 -19.90 -3.85
N GLN B 51 16.75 -19.48 -2.97
CA GLN B 51 18.05 -18.95 -3.37
C GLN B 51 18.97 -20.05 -3.93
N ARG B 52 18.67 -21.31 -3.66
CA ARG B 52 19.42 -22.43 -4.21
C ARG B 52 19.15 -22.59 -5.73
N LEU B 53 18.09 -21.97 -6.24
CA LEU B 53 17.75 -22.10 -7.66
C LEU B 53 18.33 -21.01 -8.54
N MET B 54 18.92 -19.99 -7.95
CA MET B 54 19.44 -18.90 -8.76
C MET B 54 20.83 -19.25 -9.33
N ASP B 55 21.26 -18.54 -10.37
CA ASP B 55 22.57 -18.77 -10.99
C ASP B 55 23.61 -18.51 -9.93
N VAL B 56 24.81 -19.05 -10.13
CA VAL B 56 25.92 -18.70 -9.27
C VAL B 56 26.92 -17.80 -9.98
N SER B 57 26.95 -16.54 -9.56
CA SER B 57 27.94 -15.60 -10.05
C SER B 57 29.33 -16.04 -9.61
N PRO B 60 32.16 -20.54 -4.25
CA PRO B 60 30.85 -21.13 -4.47
C PRO B 60 29.77 -20.17 -3.96
N ARG B 61 28.51 -20.55 -4.12
CA ARG B 61 27.45 -19.81 -3.43
C ARG B 61 27.30 -20.45 -2.06
N VAL B 62 27.25 -19.62 -1.02
CA VAL B 62 27.08 -20.06 0.35
C VAL B 62 25.79 -19.48 0.95
N LEU B 63 24.78 -20.32 1.23
CA LEU B 63 23.49 -19.84 1.77
C LEU B 63 23.57 -19.68 3.30
N GLY B 64 22.41 -19.58 3.96
CA GLY B 64 22.38 -19.16 5.38
C GLY B 64 22.10 -17.69 5.65
N PHE B 65 20.88 -17.38 6.10
CA PHE B 65 20.48 -16.00 6.49
C PHE B 65 19.80 -15.93 7.87
N ASP B 66 20.34 -16.71 8.80
CA ASP B 66 19.99 -16.62 10.23
C ASP B 66 21.26 -17.09 10.93
N ALA B 67 21.74 -16.34 11.93
CA ALA B 67 22.95 -16.79 12.67
C ALA B 67 23.04 -16.19 14.05
N ILE B 68 23.68 -16.94 14.95
CA ILE B 68 24.09 -16.39 16.25
C ILE B 68 25.56 -16.81 16.48
N GLY B 69 26.35 -15.96 17.12
CA GLY B 69 27.71 -16.39 17.43
C GLY B 69 28.46 -15.34 18.20
N VAL B 70 29.78 -15.52 18.28
CA VAL B 70 30.63 -14.66 19.07
C VAL B 70 31.46 -13.76 18.17
N VAL B 71 31.44 -12.47 18.45
CA VAL B 71 32.22 -11.48 17.73
C VAL B 71 33.71 -11.68 17.95
N GLU B 72 34.37 -12.10 16.88
CA GLU B 72 35.81 -12.37 16.82
C GLU B 72 36.59 -11.07 16.78
N SER B 73 36.27 -10.23 15.80
CA SER B 73 36.88 -8.89 15.64
C SER B 73 35.88 -7.87 15.06
N VAL B 74 36.26 -6.59 15.16
CA VAL B 74 35.46 -5.46 14.62
C VAL B 74 36.33 -4.39 13.93
N GLY B 75 35.70 -3.48 13.19
CA GLY B 75 36.45 -2.53 12.39
C GLY B 75 36.62 -1.20 13.07
N ASN B 76 37.47 -0.34 12.51
CA ASN B 76 37.85 0.86 13.23
C ASN B 76 36.72 1.85 13.37
N GLU B 77 35.67 1.68 12.58
CA GLU B 77 34.55 2.59 12.67
C GLU B 77 33.42 2.02 13.52
N VAL B 78 33.63 0.82 14.05
CA VAL B 78 32.60 0.17 14.91
C VAL B 78 32.52 0.80 16.31
N THR B 79 31.33 1.29 16.67
CA THR B 79 31.10 1.71 18.03
C THR B 79 30.03 0.82 18.66
N MET B 80 29.41 -0.05 17.88
CA MET B 80 28.23 -0.79 18.35
C MET B 80 28.51 -2.08 19.14
N PHE B 81 29.68 -2.70 18.91
CA PHE B 81 30.02 -4.01 19.45
C PHE B 81 31.50 -4.18 19.83
N ASN B 82 31.79 -5.27 20.56
CA ASN B 82 33.15 -5.67 20.97
C ASN B 82 33.45 -7.15 20.71
N GLN B 83 34.73 -7.48 20.58
CA GLN B 83 35.12 -8.88 20.57
C GLN B 83 34.46 -9.46 21.82
N GLY B 84 33.93 -10.67 21.71
CA GLY B 84 33.29 -11.33 22.85
C GLY B 84 31.76 -11.35 22.79
N ASP B 85 31.17 -10.30 22.22
CA ASP B 85 29.71 -10.13 22.23
C ASP B 85 29.04 -11.33 21.58
N ILE B 86 27.94 -11.80 22.17
CA ILE B 86 27.15 -12.84 21.53
C ILE B 86 26.01 -12.13 20.74
N VAL B 87 26.01 -12.34 19.44
CA VAL B 87 25.16 -11.48 18.59
C VAL B 87 24.38 -12.38 17.66
N TYR B 88 23.22 -11.90 17.23
CA TYR B 88 22.47 -12.62 16.21
C TYR B 88 21.99 -11.63 15.16
N TYR B 89 21.65 -12.17 14.02
CA TYR B 89 21.31 -11.35 12.86
C TYR B 89 20.86 -12.24 11.68
N SER B 90 20.41 -11.58 10.61
CA SER B 90 20.05 -12.23 9.34
C SER B 90 21.04 -12.01 8.18
N GLY B 91 21.46 -10.78 7.96
CA GLY B 91 22.35 -10.48 6.83
C GLY B 91 21.59 -10.31 5.51
N SER B 92 22.16 -10.83 4.43
CA SER B 92 21.71 -10.50 3.05
C SER B 92 22.26 -11.48 1.99
N PRO B 93 21.48 -11.75 0.94
CA PRO B 93 21.77 -12.84 -0.01
C PRO B 93 22.85 -12.51 -1.05
N ASP B 94 23.35 -11.30 -1.02
CA ASP B 94 24.47 -10.93 -1.87
C ASP B 94 25.80 -10.88 -1.10
N GLN B 95 25.84 -11.52 0.07
CA GLN B 95 27.09 -11.75 0.81
C GLN B 95 27.08 -13.21 1.22
N ASN B 96 28.25 -13.84 1.33
CA ASN B 96 28.28 -15.27 1.65
C ASN B 96 27.46 -15.51 2.89
N GLY B 97 26.74 -16.62 2.95
CA GLY B 97 25.81 -16.81 4.06
C GLY B 97 26.47 -17.16 5.38
N SER B 98 25.61 -17.59 6.32
CA SER B 98 26.00 -18.09 7.63
C SER B 98 26.29 -19.58 7.55
N ASN B 99 26.26 -20.15 6.35
CA ASN B 99 26.55 -21.55 6.14
C ASN B 99 28.07 -21.76 6.18
N ALA B 100 28.70 -21.14 7.17
CA ALA B 100 30.16 -21.16 7.24
C ALA B 100 30.63 -21.06 8.68
N GLU B 101 31.89 -21.38 8.92
CA GLU B 101 32.40 -21.34 10.28
C GLU B 101 32.52 -19.95 10.81
N TYR B 102 32.82 -19.00 9.92
CA TYR B 102 32.96 -17.58 10.25
C TYR B 102 32.23 -16.74 9.21
N GLN B 103 31.80 -15.55 9.60
CA GLN B 103 31.04 -14.71 8.66
C GLN B 103 31.19 -13.25 8.91
N LEU B 104 31.35 -12.50 7.82
CA LEU B 104 31.38 -11.06 7.89
C LEU B 104 29.96 -10.49 7.76
N ILE B 105 29.68 -9.47 8.56
CA ILE B 105 28.38 -8.78 8.50
C ILE B 105 28.49 -7.34 8.95
N ASN B 106 27.75 -6.44 8.30
CA ASN B 106 27.71 -5.03 8.73
C ASN B 106 27.06 -4.84 10.09
N GLU B 107 27.62 -3.94 10.90
CA GLU B 107 27.20 -3.73 12.30
C GLU B 107 25.75 -3.23 12.46
N ARG B 108 25.25 -2.56 11.43
CA ARG B 108 23.97 -1.91 11.54
C ARG B 108 22.82 -2.91 11.43
N LEU B 109 23.15 -4.15 11.06
CA LEU B 109 22.21 -5.26 10.84
C LEU B 109 22.20 -6.30 11.96
N VAL B 110 22.81 -5.96 13.09
CA VAL B 110 23.13 -6.95 14.11
C VAL B 110 22.68 -6.45 15.48
N ALA B 111 22.37 -7.37 16.40
CA ALA B 111 22.12 -6.96 17.79
C ALA B 111 22.66 -8.02 18.73
N LYS B 112 22.98 -7.66 19.97
CA LYS B 112 23.28 -8.70 20.96
C LYS B 112 22.07 -9.63 21.18
N ALA B 113 22.32 -10.93 21.32
CA ALA B 113 21.27 -11.95 21.48
C ALA B 113 20.82 -12.05 22.94
N PRO B 114 19.60 -12.54 23.17
CA PRO B 114 19.11 -12.67 24.55
C PRO B 114 19.94 -13.74 25.23
N LYS B 115 20.05 -13.70 26.55
CA LYS B 115 20.94 -14.61 27.25
C LYS B 115 20.19 -15.53 28.16
N ASN B 116 18.87 -15.39 28.19
CA ASN B 116 18.05 -16.21 29.05
C ASN B 116 17.50 -17.42 28.34
N ILE B 117 17.87 -17.55 27.06
CA ILE B 117 17.56 -18.75 26.29
C ILE B 117 18.85 -19.23 25.60
N SER B 118 18.83 -20.50 25.16
CA SER B 118 19.98 -21.13 24.49
C SER B 118 20.22 -20.51 23.12
N ALA B 119 21.44 -20.60 22.63
CA ALA B 119 21.77 -20.12 21.27
C ALA B 119 20.87 -20.75 20.22
N GLU B 120 20.63 -22.08 20.34
CA GLU B 120 19.83 -22.81 19.36
C GLU B 120 18.39 -22.34 19.35
N GLN B 121 17.94 -21.78 20.46
CA GLN B 121 16.58 -21.22 20.52
C GLN B 121 16.58 -19.79 19.97
N ALA B 122 17.58 -18.99 20.34
CA ALA B 122 17.56 -17.57 19.95
C ALA B 122 17.70 -17.43 18.42
N VAL B 123 18.36 -18.39 17.76
CA VAL B 123 18.60 -18.25 16.31
C VAL B 123 17.33 -18.53 15.48
N SER B 124 16.22 -18.85 16.17
CA SER B 124 14.93 -18.99 15.47
C SER B 124 14.36 -17.62 15.09
N LEU B 125 14.92 -16.56 15.66
CA LEU B 125 14.26 -15.26 15.68
C LEU B 125 14.69 -14.14 14.69
N PRO B 126 15.95 -14.14 14.21
CA PRO B 126 16.35 -12.93 13.43
C PRO B 126 15.61 -12.69 12.08
N LEU B 127 15.65 -13.65 11.18
CA LEU B 127 15.01 -13.44 9.89
C LEU B 127 13.49 -13.28 10.07
N THR B 128 12.90 -14.20 10.81
CA THR B 128 11.45 -14.16 11.00
C THR B 128 11.02 -12.90 11.75
N GLY B 129 11.79 -12.52 12.79
CA GLY B 129 11.48 -11.32 13.57
C GLY B 129 11.64 -9.98 12.83
N ILE B 130 12.76 -9.79 12.13
CA ILE B 130 12.88 -8.63 11.28
C ILE B 130 11.72 -8.60 10.27
N THR B 131 11.43 -9.73 9.67
CA THR B 131 10.37 -9.71 8.64
C THR B 131 9.04 -9.27 9.24
N ALA B 132 8.73 -9.79 10.42
CA ALA B 132 7.47 -9.48 11.08
C ALA B 132 7.48 -8.01 11.53
N TYR B 133 8.60 -7.52 12.07
CA TYR B 133 8.57 -6.14 12.43
C TYR B 133 8.39 -5.25 11.22
N GLU B 134 9.03 -5.59 10.11
CA GLU B 134 8.87 -4.72 8.92
C GLU B 134 7.42 -4.76 8.49
N THR B 135 6.81 -5.95 8.55
CA THR B 135 5.42 -6.05 8.10
C THR B 135 4.50 -5.18 8.99
N LEU B 136 4.66 -5.29 10.32
CA LEU B 136 3.75 -4.60 11.24
C LEU B 136 4.01 -3.12 11.29
N PHE B 137 5.27 -2.73 11.42
CA PHE B 137 5.57 -1.31 11.63
C PHE B 137 5.80 -0.51 10.35
N ASP B 138 6.52 -1.09 9.40
CA ASP B 138 6.80 -0.34 8.16
C ASP B 138 5.65 -0.49 7.16
N VAL B 139 5.23 -1.72 6.90
CA VAL B 139 4.16 -1.90 5.91
C VAL B 139 2.76 -1.47 6.45
N PHE B 140 2.28 -2.11 7.49
CA PHE B 140 0.93 -1.81 7.96
C PHE B 140 0.86 -0.47 8.71
N GLY B 141 1.99 -0.10 9.29
CA GLY B 141 2.07 1.19 10.00
C GLY B 141 1.40 1.22 11.38
N ILE B 142 1.49 0.14 12.14
CA ILE B 142 0.92 0.13 13.46
C ILE B 142 1.79 1.04 14.36
N SER B 143 1.22 1.47 15.49
CA SER B 143 1.98 2.34 16.42
C SER B 143 2.94 1.54 17.30
N ARG B 144 4.07 2.13 17.72
CA ARG B 144 4.90 1.49 18.77
C ARG B 144 4.22 1.61 20.12
N ASN B 145 3.21 2.47 20.17
CA ASN B 145 2.39 2.58 21.37
C ASN B 145 1.16 1.70 21.34
N ARG B 146 1.17 0.73 22.24
CA ARG B 146 0.17 -0.31 22.37
C ARG B 146 -1.26 0.24 22.43
N ASN B 147 -1.44 1.35 23.10
CA ASN B 147 -2.79 1.87 23.28
C ASN B 147 -3.34 2.44 21.98
N GLU B 148 -2.43 2.80 21.07
CA GLU B 148 -2.81 3.47 19.87
C GLU B 148 -3.27 2.46 18.85
N ASN B 149 -3.04 1.18 19.16
CA ASN B 149 -3.47 0.10 18.30
C ASN B 149 -4.74 -0.54 18.81
N GLU B 150 -5.34 0.06 19.85
CA GLU B 150 -6.61 -0.45 20.40
C GLU B 150 -7.65 -0.61 19.33
N GLY B 151 -8.28 -1.77 19.34
CA GLY B 151 -9.40 -2.03 18.44
C GLY B 151 -8.97 -2.51 17.07
N LYS B 152 -7.67 -2.54 16.82
CA LYS B 152 -7.16 -3.02 15.53
C LYS B 152 -7.04 -4.57 15.52
N THR B 153 -7.36 -5.17 14.37
CA THR B 153 -7.26 -6.64 14.19
C THR B 153 -6.40 -6.98 13.00
N LEU B 154 -5.53 -7.98 13.18
CA LEU B 154 -4.66 -8.49 12.13
C LEU B 154 -5.10 -9.90 11.85
N LEU B 155 -5.26 -10.27 10.57
CA LEU B 155 -5.45 -11.69 10.17
C LEU B 155 -4.17 -12.22 9.53
N ILE B 156 -3.67 -13.32 10.06
CA ILE B 156 -2.49 -13.99 9.48
C ILE B 156 -2.91 -15.30 8.83
N ILE B 157 -2.75 -15.36 7.51
CA ILE B 157 -3.11 -16.63 6.83
C ILE B 157 -1.89 -17.56 7.01
N ASN B 158 -2.11 -18.73 7.63
CA ASN B 158 -1.00 -19.62 8.07
C ASN B 158 -0.20 -19.13 9.28
N GLY B 159 -0.79 -19.20 10.45
CA GLY B 159 -0.10 -18.76 11.66
C GLY B 159 1.07 -19.61 12.13
N ALA B 160 1.15 -20.85 11.63
CA ALA B 160 2.08 -21.83 12.23
C ALA B 160 3.49 -21.82 11.64
N GLY B 161 3.68 -21.13 10.51
CA GLY B 161 5.00 -20.98 9.88
C GLY B 161 5.94 -20.10 10.68
N GLY B 162 7.19 -19.99 10.24
CA GLY B 162 8.16 -19.15 10.96
C GLY B 162 7.79 -17.68 11.19
N VAL B 163 7.41 -16.97 10.12
CA VAL B 163 7.07 -15.57 10.26
C VAL B 163 5.73 -15.43 11.00
N GLY B 164 4.77 -16.24 10.64
CA GLY B 164 3.46 -16.28 11.31
C GLY B 164 3.62 -16.42 12.82
N SER B 165 4.50 -17.31 13.25
CA SER B 165 4.65 -17.62 14.66
C SER B 165 5.12 -16.41 15.42
N ILE B 166 6.18 -15.75 14.95
CA ILE B 166 6.67 -14.58 15.66
C ILE B 166 5.78 -13.34 15.45
N ALA B 167 5.19 -13.16 14.27
CA ALA B 167 4.35 -11.99 14.04
C ALA B 167 3.17 -12.01 14.99
N THR B 168 2.66 -13.19 15.28
CA THR B 168 1.56 -13.34 16.25
C THR B 168 1.95 -12.77 17.61
N GLN B 169 3.15 -13.14 18.05
CA GLN B 169 3.64 -12.67 19.31
C GLN B 169 3.87 -11.15 19.34
N ILE B 170 4.44 -10.61 18.26
CA ILE B 170 4.73 -9.20 18.21
C ILE B 170 3.45 -8.42 18.20
N ALA B 171 2.51 -8.82 17.35
CA ALA B 171 1.25 -8.08 17.23
C ALA B 171 0.51 -8.04 18.58
N LYS B 172 0.53 -9.14 19.31
CA LYS B 172 -0.12 -9.22 20.62
C LYS B 172 0.58 -8.27 21.58
N ALA B 173 1.91 -8.28 21.58
CA ALA B 173 2.67 -7.41 22.50
C ALA B 173 2.38 -5.94 22.23
N TYR B 174 2.10 -5.58 20.98
CA TYR B 174 1.83 -4.21 20.60
C TYR B 174 0.33 -3.83 20.55
N GLY B 175 -0.50 -4.69 21.15
CA GLY B 175 -1.88 -4.35 21.43
C GLY B 175 -2.95 -4.73 20.42
N LEU B 176 -2.61 -5.56 19.45
CA LEU B 176 -3.59 -5.92 18.43
C LEU B 176 -4.35 -7.20 18.79
N ARG B 177 -5.54 -7.37 18.21
CA ARG B 177 -6.18 -8.67 18.20
C ARG B 177 -5.62 -9.46 17.03
N VAL B 178 -5.27 -10.71 17.26
CA VAL B 178 -4.67 -11.51 16.21
C VAL B 178 -5.52 -12.72 15.90
N ILE B 179 -5.94 -12.78 14.66
CA ILE B 179 -6.65 -13.96 14.11
C ILE B 179 -5.72 -14.74 13.17
N THR B 180 -5.52 -16.04 13.42
CA THR B 180 -4.69 -16.82 12.51
C THR B 180 -5.48 -17.96 11.92
N THR B 181 -4.86 -18.65 10.97
CA THR B 181 -5.48 -19.80 10.33
C THR B 181 -4.57 -21.02 10.52
N ALA B 182 -5.20 -22.16 10.81
CA ALA B 182 -4.46 -23.40 10.96
C ALA B 182 -5.48 -24.53 10.79
N SER B 183 -5.10 -25.62 10.12
CA SER B 183 -6.09 -26.59 9.69
C SER B 183 -5.83 -28.01 10.16
N ARG B 184 -5.05 -28.16 11.21
CA ARG B 184 -4.83 -29.47 11.82
C ARG B 184 -4.45 -29.31 13.27
N ASN B 185 -4.80 -30.30 14.09
CA ASN B 185 -4.66 -30.18 15.54
C ASN B 185 -3.29 -29.65 15.94
N GLU B 186 -2.27 -30.03 15.18
CA GLU B 186 -0.91 -29.70 15.55
C GLU B 186 -0.60 -28.21 15.28
N THR B 187 -1.08 -27.71 14.16
CA THR B 187 -0.83 -26.31 13.82
C THR B 187 -1.79 -25.41 14.59
N ILE B 188 -2.97 -25.93 14.93
CA ILE B 188 -3.93 -25.19 15.74
C ILE B 188 -3.43 -24.97 17.16
N GLU B 189 -2.94 -26.01 17.81
CA GLU B 189 -2.37 -25.85 19.14
C GLU B 189 -1.17 -24.91 19.19
N TRP B 190 -0.34 -24.94 18.14
CA TRP B 190 0.91 -24.16 18.05
C TRP B 190 0.56 -22.69 17.96
N THR B 191 -0.31 -22.35 17.01
CA THR B 191 -0.70 -20.92 16.88
C THR B 191 -1.40 -20.42 18.15
N LYS B 192 -2.17 -21.29 18.81
CA LYS B 192 -2.74 -20.85 20.06
C LYS B 192 -1.64 -20.57 21.08
N LYS B 193 -0.63 -21.45 21.12
CA LYS B 193 0.55 -21.29 22.00
C LYS B 193 1.28 -19.96 21.69
N MET B 194 1.26 -19.57 20.41
CA MET B 194 1.94 -18.32 20.05
C MET B 194 1.16 -17.09 20.50
N GLY B 195 -0.13 -17.25 20.88
CA GLY B 195 -0.97 -16.14 21.33
C GLY B 195 -2.17 -15.73 20.46
N ALA B 196 -2.50 -16.53 19.45
CA ALA B 196 -3.67 -16.21 18.61
C ALA B 196 -4.92 -16.10 19.47
N ASP B 197 -5.75 -15.09 19.17
CA ASP B 197 -7.03 -14.88 19.90
C ASP B 197 -8.14 -15.73 19.28
N ILE B 198 -8.09 -15.87 17.97
CA ILE B 198 -9.07 -16.67 17.23
C ILE B 198 -8.33 -17.49 16.18
N VAL B 199 -8.68 -18.77 16.07
CA VAL B 199 -8.05 -19.60 15.06
C VAL B 199 -9.14 -20.06 14.08
N LEU B 200 -8.96 -19.74 12.79
CA LEU B 200 -9.86 -20.19 11.73
C LEU B 200 -9.21 -21.26 10.84
N ASN B 201 -10.03 -21.92 10.05
CA ASN B 201 -9.54 -23.00 9.21
C ASN B 201 -9.45 -22.56 7.78
N HIS B 202 -8.23 -22.46 7.23
CA HIS B 202 -8.08 -21.95 5.88
C HIS B 202 -8.50 -22.91 4.77
N LYS B 203 -8.74 -24.17 5.10
CA LYS B 203 -9.24 -25.10 4.09
C LYS B 203 -10.76 -25.04 3.89
N GLU B 204 -11.46 -24.26 4.71
CA GLU B 204 -12.89 -23.99 4.50
C GLU B 204 -13.15 -22.48 4.36
N SER B 205 -14.29 -22.10 3.78
CA SER B 205 -14.62 -20.69 3.58
C SER B 205 -14.28 -19.81 4.79
N LEU B 206 -13.37 -18.86 4.60
CA LEU B 206 -13.08 -17.93 5.67
C LEU B 206 -14.17 -16.91 5.94
N LEU B 207 -14.79 -16.38 4.88
CA LEU B 207 -15.80 -15.35 5.10
C LEU B 207 -16.96 -15.98 5.87
N ASN B 208 -17.26 -17.24 5.55
CA ASN B 208 -18.31 -17.97 6.27
C ASN B 208 -18.03 -18.01 7.74
N GLN B 209 -16.77 -18.31 8.09
CA GLN B 209 -16.39 -18.35 9.47
C GLN B 209 -16.50 -16.98 10.14
N PHE B 210 -16.11 -15.92 9.43
CA PHE B 210 -16.34 -14.56 9.92
C PHE B 210 -17.82 -14.35 10.22
N LYS B 211 -18.67 -14.77 9.31
CA LYS B 211 -20.11 -14.56 9.54
C LYS B 211 -20.62 -15.38 10.72
N THR B 212 -20.29 -16.65 10.76
CA THR B 212 -20.69 -17.51 11.86
C THR B 212 -20.30 -16.98 13.23
N GLN B 213 -19.09 -16.41 13.32
CA GLN B 213 -18.54 -16.08 14.62
C GLN B 213 -18.70 -14.62 14.96
N GLY B 214 -19.33 -13.87 14.08
CA GLY B 214 -19.50 -12.43 14.33
C GLY B 214 -18.24 -11.58 14.19
N ILE B 215 -17.34 -12.00 13.32
CA ILE B 215 -16.07 -11.26 13.15
C ILE B 215 -16.17 -10.16 12.10
N GLU B 216 -15.85 -8.94 12.50
CA GLU B 216 -15.90 -7.78 11.60
C GLU B 216 -14.69 -7.79 10.64
N LEU B 217 -14.83 -7.16 9.49
CA LEU B 217 -13.72 -7.04 8.54
C LEU B 217 -12.49 -6.52 9.28
N VAL B 218 -11.31 -7.05 8.93
CA VAL B 218 -10.08 -6.76 9.68
C VAL B 218 -9.28 -5.57 9.13
N ASP B 219 -8.45 -4.95 9.97
CA ASP B 219 -7.63 -3.81 9.49
C ASP B 219 -6.55 -4.21 8.52
N TYR B 220 -5.89 -5.34 8.82
CA TYR B 220 -4.70 -5.77 8.07
C TYR B 220 -4.76 -7.29 7.84
N VAL B 221 -4.34 -7.73 6.66
CA VAL B 221 -4.24 -9.18 6.38
C VAL B 221 -2.87 -9.52 5.82
N PHE B 222 -2.26 -10.59 6.31
CA PHE B 222 -0.86 -10.92 6.05
C PHE B 222 -0.91 -12.38 5.59
N CYS B 223 -0.46 -12.66 4.39
CA CYS B 223 -0.40 -14.05 3.93
C CYS B 223 1.02 -14.60 3.94
N THR B 224 1.18 -15.80 4.51
CA THR B 224 2.49 -16.43 4.59
C THR B 224 2.63 -17.78 3.80
N PHE B 225 1.56 -18.22 3.12
CA PHE B 225 1.71 -19.32 2.17
C PHE B 225 0.62 -19.32 1.13
N ASN B 226 1.00 -19.73 -0.07
CA ASN B 226 0.11 -19.84 -1.22
C ASN B 226 -0.77 -18.59 -1.42
N THR B 227 -0.13 -17.48 -1.70
CA THR B 227 -0.88 -16.26 -1.89
C THR B 227 -1.82 -16.31 -3.09
N ASP B 228 -1.44 -17.02 -4.15
CA ASP B 228 -2.37 -17.11 -5.28
C ASP B 228 -3.75 -17.60 -4.86
N MET B 229 -3.76 -18.64 -4.03
CA MET B 229 -4.99 -19.25 -3.49
C MET B 229 -5.83 -18.34 -2.60
N TYR B 230 -5.19 -17.34 -1.98
CA TYR B 230 -5.88 -16.54 -0.95
C TYR B 230 -6.02 -15.04 -1.30
N TYR B 231 -5.53 -14.63 -2.46
CA TYR B 231 -5.66 -13.21 -2.93
C TYR B 231 -7.10 -12.70 -2.83
N ASP B 232 -8.06 -13.42 -3.41
CA ASP B 232 -9.43 -12.95 -3.34
C ASP B 232 -9.96 -12.96 -1.90
N ASP B 233 -9.57 -13.97 -1.12
CA ASP B 233 -10.00 -14.08 0.28
C ASP B 233 -9.51 -12.85 1.07
N MET B 234 -8.24 -12.51 0.91
CA MET B 234 -7.69 -11.36 1.61
C MET B 234 -8.51 -10.11 1.28
N ILE B 235 -8.90 -9.94 0.01
CA ILE B 235 -9.67 -8.76 -0.39
C ILE B 235 -11.08 -8.74 0.24
N GLN B 236 -11.69 -9.93 0.32
CA GLN B 236 -13.02 -10.09 0.90
C GLN B 236 -13.03 -9.82 2.39
N LEU B 237 -11.94 -10.19 3.08
CA LEU B 237 -11.90 -10.17 4.54
C LEU B 237 -11.45 -8.84 5.15
N VAL B 238 -10.76 -8.04 4.33
CA VAL B 238 -10.25 -6.73 4.86
C VAL B 238 -11.28 -5.61 4.77
N LYS B 239 -11.19 -4.66 5.73
CA LYS B 239 -12.09 -3.50 5.74
C LYS B 239 -11.77 -2.51 4.59
N PRO B 240 -12.76 -1.69 4.23
CA PRO B 240 -12.49 -0.71 3.17
C PRO B 240 -11.29 0.18 3.54
N ARG B 241 -10.44 0.43 2.55
CA ARG B 241 -9.21 1.22 2.65
C ARG B 241 -8.14 0.51 3.46
N GLY B 242 -8.35 -0.79 3.71
CA GLY B 242 -7.39 -1.56 4.51
C GLY B 242 -6.17 -2.03 3.69
N HIS B 243 -5.39 -2.91 4.28
CA HIS B 243 -4.09 -3.20 3.71
C HIS B 243 -3.84 -4.70 3.77
N ILE B 244 -3.49 -5.26 2.62
CA ILE B 244 -3.13 -6.67 2.58
C ILE B 244 -1.68 -6.82 2.12
N ALA B 245 -1.00 -7.88 2.57
CA ALA B 245 0.42 -8.03 2.20
C ALA B 245 0.76 -9.51 2.14
N THR B 246 1.86 -9.80 1.46
CA THR B 246 2.34 -11.17 1.44
C THR B 246 3.81 -11.18 1.67
N ILE B 247 4.31 -12.35 2.09
CA ILE B 247 5.75 -12.57 2.12
C ILE B 247 6.14 -13.76 1.24
N VAL B 248 5.18 -14.25 0.46
CA VAL B 248 5.36 -15.43 -0.46
C VAL B 248 5.15 -14.96 -1.90
N ALA B 249 6.08 -15.25 -2.82
CA ALA B 249 5.87 -14.89 -4.23
C ALA B 249 4.66 -15.56 -4.79
N PHE B 250 4.00 -14.89 -5.75
CA PHE B 250 2.85 -15.46 -6.44
C PHE B 250 3.36 -16.38 -7.52
N GLU B 251 2.59 -17.45 -7.83
CA GLU B 251 2.97 -18.28 -8.97
C GLU B 251 2.45 -17.65 -10.26
N ASN B 252 1.35 -16.88 -10.17
CA ASN B 252 0.80 -16.24 -11.36
C ASN B 252 0.47 -14.77 -11.19
N ASP B 253 0.37 -14.08 -12.33
CA ASP B 253 -0.12 -12.69 -12.39
C ASP B 253 -1.52 -12.58 -11.77
N GLN B 254 -1.86 -11.38 -11.25
CA GLN B 254 -3.16 -11.16 -10.59
C GLN B 254 -3.88 -9.90 -11.13
N ASP B 255 -5.16 -9.78 -10.80
CA ASP B 255 -5.94 -8.65 -11.23
C ASP B 255 -5.83 -7.57 -10.15
N LEU B 256 -5.01 -6.57 -10.39
CA LEU B 256 -4.92 -5.45 -9.45
C LEU B 256 -6.21 -4.65 -9.41
N ASN B 257 -7.09 -4.79 -10.40
CA ASN B 257 -8.35 -4.05 -10.31
C ASN B 257 -9.23 -4.55 -9.18
N ALA B 258 -8.97 -5.76 -8.69
CA ALA B 258 -9.74 -6.34 -7.61
C ALA B 258 -9.56 -5.52 -6.32
N LEU B 259 -8.48 -4.73 -6.29
CA LEU B 259 -8.24 -3.82 -5.11
C LEU B 259 -9.07 -2.58 -5.22
N LYS B 260 -9.73 -2.30 -6.36
CA LYS B 260 -10.39 -1.00 -6.51
C LYS B 260 -11.62 -0.75 -5.65
N PRO B 261 -12.58 -1.72 -5.59
CA PRO B 261 -13.86 -1.40 -4.93
C PRO B 261 -13.69 -0.93 -3.47
N LYS B 262 -12.74 -1.54 -2.77
CA LYS B 262 -12.49 -1.11 -1.36
C LYS B 262 -11.29 -0.16 -1.24
N SER B 263 -10.74 0.28 -2.36
CA SER B 263 -9.59 1.25 -2.38
C SER B 263 -8.45 0.70 -1.54
N LEU B 264 -8.07 -0.54 -1.82
CA LEU B 264 -7.09 -1.20 -0.97
C LEU B 264 -5.63 -0.96 -1.36
N SER B 265 -4.77 -1.27 -0.39
CA SER B 265 -3.33 -1.30 -0.62
C SER B 265 -2.84 -2.77 -0.55
N PHE B 266 -1.87 -3.08 -1.39
CA PHE B 266 -1.23 -4.40 -1.39
C PHE B 266 0.26 -4.26 -1.31
N SER B 267 0.91 -4.95 -0.36
CA SER B 267 2.33 -4.83 -0.26
C SER B 267 3.03 -6.19 -0.39
N HIS B 268 4.20 -6.17 -1.03
CA HIS B 268 5.00 -7.40 -1.14
C HIS B 268 6.19 -7.20 -0.21
N GLU B 269 6.14 -7.80 0.99
CA GLU B 269 7.22 -7.61 1.97
C GLU B 269 8.47 -8.44 1.62
N PHE B 270 9.61 -7.75 1.63
CA PHE B 270 10.91 -8.39 1.34
C PHE B 270 11.93 -7.78 2.30
N MET B 271 12.39 -8.56 3.29
CA MET B 271 13.16 -7.89 4.38
C MET B 271 14.54 -7.49 3.91
N PHE B 272 14.96 -8.03 2.76
CA PHE B 272 16.32 -7.73 2.26
C PHE B 272 16.39 -6.48 1.40
N ALA B 273 15.25 -5.80 1.21
CA ALA B 273 15.26 -4.56 0.46
C ALA B 273 16.16 -3.50 1.10
N ARG B 274 16.18 -3.39 2.42
CA ARG B 274 17.08 -2.42 3.04
C ARG B 274 18.62 -2.69 2.81
N PRO B 275 19.12 -3.89 3.17
CA PRO B 275 20.55 -4.16 2.97
C PRO B 275 20.95 -4.20 1.51
N LEU B 276 20.15 -4.85 0.69
CA LEU B 276 20.44 -4.98 -0.74
C LEU B 276 20.55 -3.59 -1.37
N ASN B 277 19.72 -2.66 -0.92
CA ASN B 277 19.80 -1.32 -1.47
C ASN B 277 20.62 -0.34 -0.62
N GLN B 278 21.41 -0.87 0.32
CA GLN B 278 22.22 -0.06 1.20
C GLN B 278 21.49 1.17 1.72
N THR B 279 20.25 0.99 2.20
CA THR B 279 19.48 2.13 2.62
C THR B 279 19.99 2.84 3.84
N ASP B 280 19.72 4.12 3.84
CA ASP B 280 20.07 4.96 4.93
C ASP B 280 19.54 4.35 6.24
N ASP B 281 18.43 3.60 6.17
CA ASP B 281 17.78 3.12 7.40
C ASP B 281 17.95 1.64 7.72
N MET B 282 19.04 1.05 7.23
CA MET B 282 19.36 -0.34 7.52
C MET B 282 19.40 -0.60 9.03
N ILE B 283 19.71 0.45 9.80
CA ILE B 283 19.82 0.38 11.28
C ILE B 283 18.52 -0.12 11.90
N LYS B 284 17.40 0.02 11.19
CA LYS B 284 16.15 -0.51 11.74
C LYS B 284 16.25 -2.01 12.02
N HIS B 285 17.07 -2.71 11.27
CA HIS B 285 17.22 -4.14 11.48
C HIS B 285 17.84 -4.40 12.86
N HIS B 286 18.91 -3.68 13.18
CA HIS B 286 19.44 -3.67 14.56
C HIS B 286 18.40 -3.26 15.62
N GLU B 287 17.59 -2.25 15.32
CA GLU B 287 16.63 -1.79 16.28
C GLU B 287 15.58 -2.87 16.50
N TYR B 288 15.21 -3.59 15.45
CA TYR B 288 14.14 -4.58 15.62
C TYR B 288 14.68 -5.79 16.38
N LEU B 289 15.89 -6.23 16.01
CA LEU B 289 16.55 -7.32 16.72
C LEU B 289 16.76 -6.97 18.19
N GLU B 290 17.08 -5.71 18.49
CA GLU B 290 17.26 -5.27 19.89
C GLU B 290 15.95 -5.32 20.69
N ASP B 291 14.88 -4.78 20.11
CA ASP B 291 13.55 -4.97 20.72
C ASP B 291 13.20 -6.44 20.98
N ILE B 292 13.46 -7.31 20.01
CA ILE B 292 13.24 -8.75 20.19
C ILE B 292 14.04 -9.26 21.40
N THR B 293 15.30 -8.83 21.46
CA THR B 293 16.12 -9.28 22.59
C THR B 293 15.53 -8.85 23.90
N ASN B 294 15.16 -7.58 24.00
CA ASN B 294 14.56 -7.10 25.22
C ASN B 294 13.29 -7.85 25.61
N LYS B 295 12.44 -8.15 24.63
CA LYS B 295 11.16 -8.80 24.94
C LYS B 295 11.33 -10.29 25.25
N VAL B 296 12.36 -10.91 24.68
CA VAL B 296 12.69 -12.28 25.07
C VAL B 296 13.18 -12.30 26.52
N GLU B 297 14.06 -11.37 26.87
CA GLU B 297 14.57 -11.35 28.26
C GLU B 297 13.45 -11.06 29.26
N GLN B 298 12.43 -10.34 28.80
CA GLN B 298 11.23 -10.05 29.60
C GLN B 298 10.17 -11.17 29.61
N ASN B 299 10.44 -12.25 28.90
CA ASN B 299 9.46 -13.35 28.68
C ASN B 299 8.15 -12.91 28.02
N ILE B 300 8.26 -11.92 27.16
CA ILE B 300 7.12 -11.46 26.42
C ILE B 300 7.09 -12.21 25.10
N TYR B 301 8.26 -12.49 24.53
CA TYR B 301 8.33 -13.38 23.37
C TYR B 301 8.98 -14.70 23.79
N GLN B 302 8.65 -15.78 23.08
CA GLN B 302 9.31 -17.06 23.23
C GLN B 302 9.90 -17.52 21.91
N PRO B 303 11.00 -18.28 21.98
CA PRO B 303 11.64 -18.70 20.73
C PRO B 303 10.85 -19.81 20.06
N THR B 304 11.17 -20.10 18.80
CA THR B 304 10.29 -20.92 17.96
C THR B 304 10.99 -22.14 17.33
N THR B 305 12.18 -22.49 17.82
CA THR B 305 12.90 -23.68 17.31
C THR B 305 12.17 -24.92 17.73
N THR B 306 11.89 -25.83 16.77
CA THR B 306 11.26 -27.11 17.12
C THR B 306 12.07 -28.32 16.62
N LYS B 307 13.06 -28.08 15.76
CA LYS B 307 13.90 -29.17 15.28
C LYS B 307 15.35 -28.71 15.22
N VAL B 308 16.25 -29.49 15.81
CA VAL B 308 17.67 -29.15 15.83
C VAL B 308 18.49 -30.28 15.17
N ILE B 309 19.41 -29.92 14.28
CA ILE B 309 20.28 -30.90 13.65
C ILE B 309 21.72 -30.51 13.93
N GLU B 310 22.58 -31.49 14.22
CA GLU B 310 23.95 -31.19 14.64
C GLU B 310 24.95 -31.37 13.51
N GLY B 311 25.70 -30.32 13.23
CA GLY B 311 26.80 -30.40 12.29
C GLY B 311 26.50 -29.67 11.00
N LEU B 312 27.35 -28.71 10.66
CA LEU B 312 27.29 -28.00 9.39
C LEU B 312 27.99 -28.82 8.29
N THR B 313 27.23 -29.70 7.63
CA THR B 313 27.76 -30.65 6.64
C THR B 313 26.84 -30.76 5.42
N THR B 314 27.39 -31.21 4.31
CA THR B 314 26.60 -31.29 3.08
C THR B 314 25.40 -32.22 3.22
N GLU B 315 25.52 -33.26 4.04
CA GLU B 315 24.40 -34.17 4.21
C GLU B 315 23.29 -33.48 4.99
N ASN B 316 23.69 -32.68 5.96
CA ASN B 316 22.76 -31.94 6.82
C ASN B 316 21.99 -30.86 6.10
N ILE B 317 22.73 -29.96 5.45
CA ILE B 317 22.10 -28.86 4.72
C ILE B 317 21.13 -29.37 3.65
N TYR B 318 21.49 -30.46 2.97
CA TYR B 318 20.61 -31.10 2.00
C TYR B 318 19.33 -31.60 2.68
N GLN B 319 19.48 -32.22 3.84
CA GLN B 319 18.32 -32.74 4.53
C GLN B 319 17.41 -31.56 4.89
N ALA B 320 18.04 -30.44 5.26
CA ALA B 320 17.33 -29.24 5.72
C ALA B 320 16.52 -28.61 4.59
N HIS B 321 17.04 -28.74 3.38
CA HIS B 321 16.36 -28.24 2.19
C HIS B 321 15.24 -29.19 1.79
N GLN B 322 15.45 -30.49 1.98
CA GLN B 322 14.37 -31.45 1.74
C GLN B 322 13.20 -31.09 2.67
N ILE B 323 13.52 -30.84 3.94
CA ILE B 323 12.52 -30.49 4.95
C ILE B 323 11.82 -29.16 4.67
N LEU B 324 12.58 -28.10 4.39
CA LEU B 324 11.95 -26.82 4.13
C LEU B 324 10.98 -26.92 2.95
N GLU B 325 11.40 -27.61 1.88
CA GLU B 325 10.56 -27.75 0.69
C GLU B 325 9.32 -28.65 0.85
N SER B 326 9.30 -29.53 1.85
CA SER B 326 8.08 -30.28 2.13
C SER B 326 6.96 -29.33 2.57
N ASN B 327 7.32 -28.08 2.86
CA ASN B 327 6.47 -27.12 3.59
C ASN B 327 6.00 -27.65 4.95
N MET B 329 6.97 -27.95 8.33
CA MET B 329 7.60 -27.46 9.55
C MET B 329 6.62 -26.61 10.34
N ILE B 330 6.53 -26.88 11.63
CA ILE B 330 5.93 -25.93 12.56
C ILE B 330 7.09 -25.17 13.19
N GLY B 331 6.99 -23.84 13.28
CA GLY B 331 8.13 -23.04 13.77
C GLY B 331 9.41 -23.20 12.95
N LYS B 332 10.56 -23.34 13.63
CA LYS B 332 11.88 -23.23 12.98
C LYS B 332 12.81 -24.47 13.05
N LEU B 333 13.60 -24.66 12.00
CA LEU B 333 14.65 -25.67 11.91
C LEU B 333 16.02 -25.03 12.13
N VAL B 334 16.82 -25.60 13.02
CA VAL B 334 18.09 -24.98 13.38
C VAL B 334 19.23 -26.01 13.22
N ILE B 335 20.42 -25.55 12.89
CA ILE B 335 21.59 -26.43 12.84
C ILE B 335 22.69 -25.89 13.74
N ASN B 336 23.22 -26.75 14.60
CA ASN B 336 24.37 -26.40 15.47
C ASN B 336 25.68 -26.89 14.88
N LEU B 337 26.66 -26.00 14.82
CA LEU B 337 27.97 -26.25 14.22
C LEU B 337 28.87 -27.11 15.12
#